data_8PND
#
_entry.id   8PND
#
_cell.length_a   53.600
_cell.length_b   81.136
_cell.length_c   192.347
_cell.angle_alpha   90.000
_cell.angle_beta   90.000
_cell.angle_gamma   90.000
#
_symmetry.space_group_name_H-M   'P 2 21 21'
#
loop_
_entity.id
_entity.type
_entity.pdbx_description
1 polymer 'Porphobilinogen deaminase'
2 non-polymer '3-[4-(2-hydroxy-2-oxoethyl)-5-[[4-(2-hydroxy-2-oxoethyl)-5-[[4-(2-hydroxy-2-oxoethyl)-5-[[4-(2-hydroxy-2-oxoethyl)-5-[[4-(2-hydroxy-2-oxoethyl)-3-(3-hydroxy-3-oxopropyl)-5-methyl-1~{H}-pyrrol-2-yl]methyl]-3-(3-hydroxy-3-oxopropyl)-1~{H}-pyrrol-2-yl]methyl]-3-(3-hydroxy-3-oxopropyl)-1~{H}-pyrrol-2-yl]methyl]-3-(3-hydroxy-3-oxopropyl)-1~{H}-pyrrol-2-yl]methyl]-1~{H}-pyrrol-3-yl]propanoic acid'
3 non-polymer GLYCEROL
4 non-polymer 1,2-ETHANEDIOL
5 water water
#
_entity_poly.entity_id   1
_entity_poly.type   'polypeptide(L)'
_entity_poly.pdbx_seq_one_letter_code
;MGSSHHHHHHSSGENLYFQGMRVIRVGTRKSQLARIQTDSVVATLKASYPGLQFEIIAMSTTGDKILDTALSKIGEKSLF
TKELEHALEKNEVDLVVHSLKDLPTVLPPGFTIGAICKRENPHDAVVFHPKFVGKTLETLPEKSVVGTSSLRRAAQLQRK
FPHLEFRSIQGNLNTRLRKLDEQQEFSAIILATAGLQRMGWHNRVGQILHPEECMYAVGQGALGVEVRAKDQDILDLVGV
LHDPETLLRCIAERAFLRHLEGGCSVPVAVHTAMKDGQLYLTGGVWSLDGSDSIQETMQATIHVPAQHEDGPEDDPQLVG
ITARNIPRGPQLAAQNLGISLANLLLSKGAKNILDVARQLNDAH
;
_entity_poly.pdbx_strand_id   A,B
#
loop_
_chem_comp.id
_chem_comp.type
_chem_comp.name
_chem_comp.formula
EDO non-polymer 1,2-ETHANEDIOL 'C2 H6 O2'
GOL non-polymer GLYCEROL 'C3 H8 O3'
ZWW non-polymer '3-[4-(2-hydroxy-2-oxoethyl)-5-[[4-(2-hydroxy-2-oxoethyl)-5-[[4-(2-hydroxy-2-oxoethyl)-5-[[4-(2-hydroxy-2-oxoethyl)-5-[[4-(2-hydroxy-2-oxoethyl)-3-(3-hydroxy-3-oxopropyl)-5-methyl-1~{H}-pyrrol-2-yl]methyl]-3-(3-hydroxy-3-oxopropyl)-1~{H}-pyrrol-2-yl]methyl]-3-(3-hydroxy-3-oxopropyl)-1~{H}-pyrrol-2-yl]methyl]-3-(3-hydroxy-3-oxopropyl)-1~{H}-pyrrol-2-yl]methyl]-1~{H}-pyrrol-3-yl]propanoic acid' 'C50 H57 N5 O20'
#
# COMPACT_ATOMS: atom_id res chain seq x y z
N MET A 21 3.05 23.81 -5.82
CA MET A 21 2.33 22.55 -5.96
C MET A 21 1.41 22.60 -7.19
N ARG A 22 1.02 23.81 -7.57
CA ARG A 22 0.21 24.02 -8.76
C ARG A 22 -1.23 23.53 -8.55
N VAL A 23 -1.39 22.34 -7.97
CA VAL A 23 -2.71 21.79 -7.71
C VAL A 23 -2.71 21.12 -6.33
N ILE A 24 -3.67 21.48 -5.49
CA ILE A 24 -3.85 20.87 -4.17
C ILE A 24 -4.86 19.73 -4.31
N ARG A 25 -4.43 18.50 -4.04
CA ARG A 25 -5.31 17.36 -4.17
C ARG A 25 -5.94 17.01 -2.82
N VAL A 26 -7.27 16.96 -2.80
CA VAL A 26 -8.07 16.78 -1.59
C VAL A 26 -8.71 15.41 -1.66
N GLY A 27 -8.38 14.52 -0.72
CA GLY A 27 -9.00 13.20 -0.68
C GLY A 27 -10.29 13.20 0.14
N THR A 28 -11.26 12.41 -0.30
CA THR A 28 -12.52 12.30 0.42
C THR A 28 -13.13 10.91 0.23
N ARG A 29 -13.82 10.45 1.26
CA ARG A 29 -14.72 9.31 1.11
C ARG A 29 -15.85 9.67 0.13
N LYS A 30 -16.49 8.64 -0.40
CA LYS A 30 -17.42 8.83 -1.50
C LYS A 30 -18.85 9.08 -1.05
N SER A 31 -19.18 8.87 0.23
CA SER A 31 -20.55 9.07 0.66
C SER A 31 -20.97 10.52 0.46
N GLN A 32 -22.27 10.73 0.25
CA GLN A 32 -22.73 12.10 0.01
C GLN A 32 -22.33 13.02 1.16
N LEU A 33 -22.50 12.55 2.41
CA LEU A 33 -22.18 13.38 3.55
C LEU A 33 -20.69 13.71 3.60
N ALA A 34 -19.83 12.72 3.31
CA ALA A 34 -18.39 12.99 3.29
C ALA A 34 -18.04 14.01 2.19
N ARG A 35 -18.65 13.87 1.01
CA ARG A 35 -18.38 14.81 -0.08
C ARG A 35 -18.84 16.23 0.25
N ILE A 36 -19.99 16.38 0.90
CA ILE A 36 -20.45 17.71 1.33
C ILE A 36 -19.48 18.30 2.35
N GLN A 37 -19.05 17.51 3.32
CA GLN A 37 -18.08 18.02 4.29
C GLN A 37 -16.81 18.49 3.58
N THR A 38 -16.29 17.67 2.67
CA THR A 38 -15.10 18.04 1.92
C THR A 38 -15.31 19.33 1.12
N ASP A 39 -16.45 19.45 0.42
CA ASP A 39 -16.71 20.67 -0.35
C ASP A 39 -16.74 21.89 0.55
N SER A 40 -17.32 21.76 1.75
CA SER A 40 -17.40 22.91 2.65
C SER A 40 -16.01 23.36 3.07
N VAL A 41 -15.09 22.40 3.33
CA VAL A 41 -13.74 22.81 3.70
C VAL A 41 -12.99 23.40 2.51
N VAL A 42 -13.19 22.84 1.32
CA VAL A 42 -12.54 23.38 0.14
C VAL A 42 -13.05 24.79 -0.15
N ALA A 43 -14.35 25.04 0.05
CA ALA A 43 -14.88 26.38 -0.14
C ALA A 43 -14.25 27.37 0.83
N THR A 44 -14.04 26.96 2.08
CA THR A 44 -13.36 27.86 3.01
C THR A 44 -11.92 28.14 2.57
N LEU A 45 -11.22 27.07 2.17
CA LEU A 45 -9.86 27.24 1.62
C LEU A 45 -9.86 28.24 0.46
N LYS A 46 -10.81 28.10 -0.48
CA LYS A 46 -10.80 28.97 -1.66
C LYS A 46 -11.09 30.42 -1.27
N ALA A 47 -11.88 30.62 -0.21
CA ALA A 47 -12.12 31.98 0.27
C ALA A 47 -10.85 32.62 0.81
N SER A 48 -9.97 31.83 1.48
CA SER A 48 -8.68 32.39 1.93
C SER A 48 -7.65 32.48 0.81
N TYR A 49 -7.73 31.59 -0.18
CA TYR A 49 -6.70 31.41 -1.22
C TYR A 49 -7.37 31.45 -2.58
N PRO A 50 -8.00 32.56 -2.91
CA PRO A 50 -8.66 32.65 -4.21
C PRO A 50 -7.65 32.36 -5.32
N GLY A 51 -8.12 31.76 -6.40
CA GLY A 51 -7.26 31.40 -7.51
C GLY A 51 -6.44 30.14 -7.32
N LEU A 52 -6.19 29.73 -6.07
CA LEU A 52 -5.49 28.48 -5.84
C LEU A 52 -6.34 27.32 -6.32
N GLN A 53 -5.70 26.34 -6.96
CA GLN A 53 -6.44 25.27 -7.60
C GLN A 53 -6.51 24.07 -6.69
N PHE A 54 -7.71 23.53 -6.56
CA PHE A 54 -8.01 22.36 -5.74
C PHE A 54 -8.66 21.31 -6.61
N GLU A 55 -8.36 20.06 -6.31
CA GLU A 55 -8.82 18.93 -7.09
C GLU A 55 -9.33 17.87 -6.13
N ILE A 56 -10.59 17.53 -6.19
CA ILE A 56 -11.16 16.59 -5.23
C ILE A 56 -11.06 15.18 -5.81
N ILE A 57 -10.47 14.28 -5.02
CA ILE A 57 -10.28 12.88 -5.38
C ILE A 57 -11.04 12.04 -4.38
N ALA A 58 -12.15 11.45 -4.83
CA ALA A 58 -13.00 10.63 -3.99
C ALA A 58 -12.57 9.17 -4.13
N MET A 59 -12.23 8.56 -3.00
CA MET A 59 -11.70 7.21 -2.98
C MET A 59 -12.73 6.22 -2.46
N SER A 60 -12.80 5.06 -3.12
CA SER A 60 -13.63 3.97 -2.64
C SER A 60 -13.07 3.46 -1.30
N THR A 61 -13.94 3.34 -0.31
CA THR A 61 -13.52 2.96 1.03
C THR A 61 -14.33 1.76 1.53
N THR A 62 -14.12 1.40 2.80
CA THR A 62 -14.85 0.30 3.42
C THR A 62 -16.01 0.82 4.26
N ILE A 74 -16.57 -3.56 16.95
CA ILE A 74 -15.22 -3.77 17.46
C ILE A 74 -14.25 -4.03 16.31
N GLY A 75 -13.13 -4.67 16.63
CA GLY A 75 -12.14 -5.04 15.62
C GLY A 75 -11.30 -3.88 15.11
N GLU A 76 -11.66 -3.35 13.95
CA GLU A 76 -10.84 -2.35 13.29
C GLU A 76 -10.87 -1.03 14.04
N LYS A 77 -9.68 -0.44 14.22
CA LYS A 77 -9.54 0.78 15.00
C LYS A 77 -9.70 2.05 14.18
N SER A 78 -9.60 1.97 12.85
CA SER A 78 -9.67 3.16 12.00
C SER A 78 -10.35 2.80 10.67
N LEU A 79 -11.62 2.42 10.76
CA LEU A 79 -12.40 2.05 9.58
C LEU A 79 -12.43 3.16 8.53
N PHE A 80 -12.56 4.42 8.95
CA PHE A 80 -12.77 5.51 8.00
C PHE A 80 -11.49 6.12 7.46
N THR A 81 -10.32 5.76 7.98
CA THR A 81 -9.12 6.56 7.73
C THR A 81 -7.99 5.84 7.03
N LYS A 82 -7.97 4.49 7.05
CA LYS A 82 -6.78 3.76 6.62
C LYS A 82 -6.47 3.95 5.13
N GLU A 83 -7.49 3.85 4.26
CA GLU A 83 -7.22 3.93 2.83
C GLU A 83 -6.83 5.34 2.41
N LEU A 84 -7.47 6.35 2.98
CA LEU A 84 -7.07 7.73 2.68
C LEU A 84 -5.70 8.05 3.27
N GLU A 85 -5.36 7.45 4.40
CA GLU A 85 -3.99 7.60 4.90
C GLU A 85 -2.98 6.97 3.93
N HIS A 86 -3.34 5.84 3.33
CA HIS A 86 -2.42 5.24 2.36
C HIS A 86 -2.27 6.14 1.15
N ALA A 87 -3.35 6.77 0.70
CA ALA A 87 -3.24 7.73 -0.40
C ALA A 87 -2.37 8.93 -0.01
N LEU A 88 -2.51 9.44 1.23
CA LEU A 88 -1.60 10.47 1.70
C LEU A 88 -0.15 10.01 1.65
N GLU A 89 0.11 8.78 2.09
CA GLU A 89 1.49 8.29 2.18
C GLU A 89 2.12 8.18 0.80
N LYS A 90 1.34 7.83 -0.23
CA LYS A 90 1.83 7.69 -1.60
C LYS A 90 1.78 9.01 -2.38
N ASN A 91 1.55 10.13 -1.69
N ASN A 91 1.54 10.14 -1.70
CA ASN A 91 1.43 11.44 -2.31
CA ASN A 91 1.45 11.44 -2.35
C ASN A 91 0.42 11.40 -3.46
C ASN A 91 0.41 11.42 -3.46
N GLU A 92 -0.68 10.68 -3.25
CA GLU A 92 -1.77 10.70 -4.22
C GLU A 92 -2.79 11.77 -3.90
N VAL A 93 -2.88 12.17 -2.63
CA VAL A 93 -3.62 13.34 -2.22
C VAL A 93 -2.71 14.10 -1.26
N ASP A 94 -3.06 15.37 -1.00
CA ASP A 94 -2.32 16.23 -0.09
C ASP A 94 -3.02 16.50 1.22
N LEU A 95 -4.35 16.51 1.23
CA LEU A 95 -5.08 16.59 2.50
C LEU A 95 -6.36 15.80 2.38
N VAL A 96 -6.89 15.40 3.54
CA VAL A 96 -8.09 14.58 3.62
C VAL A 96 -9.04 15.19 4.65
N VAL A 97 -10.32 15.29 4.33
CA VAL A 97 -11.29 15.90 5.24
C VAL A 97 -12.09 14.80 5.94
N HIS A 98 -12.09 14.79 7.27
CA HIS A 98 -12.83 13.83 8.07
C HIS A 98 -13.72 14.53 9.07
N SER A 99 -14.79 13.85 9.49
CA SER A 99 -15.38 14.17 10.78
C SER A 99 -14.31 13.92 11.84
N LEU A 100 -14.09 14.91 12.71
CA LEU A 100 -13.00 14.74 13.66
C LEU A 100 -13.20 13.53 14.54
N LYS A 101 -14.45 13.17 14.85
CA LYS A 101 -14.64 12.02 15.74
C LYS A 101 -14.26 10.70 15.07
N ASP A 102 -14.12 10.69 13.74
CA ASP A 102 -13.70 9.49 13.03
C ASP A 102 -12.17 9.31 13.05
N LEU A 103 -11.43 10.23 13.65
CA LEU A 103 -9.98 10.10 13.73
C LEU A 103 -9.57 9.63 15.11
N PRO A 104 -8.87 8.50 15.20
CA PRO A 104 -8.43 7.99 16.52
C PRO A 104 -7.59 9.02 17.25
N THR A 105 -7.47 8.84 18.57
CA THR A 105 -6.65 9.78 19.34
C THR A 105 -5.15 9.55 19.15
N VAL A 106 -4.75 8.38 18.64
CA VAL A 106 -3.38 8.11 18.23
C VAL A 106 -3.40 7.79 16.74
N LEU A 107 -2.76 8.64 15.93
CA LEU A 107 -2.64 8.41 14.49
C LEU A 107 -1.32 7.71 14.17
N PRO A 108 -1.24 7.05 13.01
CA PRO A 108 0.06 6.46 12.61
C PRO A 108 1.08 7.54 12.47
N PRO A 109 2.36 7.21 12.64
CA PRO A 109 3.38 8.24 12.89
C PRO A 109 3.61 9.22 11.73
N GLY A 110 3.22 8.88 10.51
CA GLY A 110 3.48 9.80 9.42
C GLY A 110 2.37 10.80 9.12
N PHE A 111 1.36 10.91 9.99
CA PHE A 111 0.17 11.72 9.74
C PHE A 111 -0.09 12.64 10.93
N THR A 112 -0.81 13.73 10.66
CA THR A 112 -1.24 14.62 11.75
C THR A 112 -2.54 15.28 11.32
N ILE A 113 -3.28 15.81 12.29
CA ILE A 113 -4.42 16.65 11.99
C ILE A 113 -3.91 18.10 11.91
N GLY A 114 -3.91 18.65 10.69
CA GLY A 114 -3.39 19.97 10.42
C GLY A 114 -4.37 21.10 10.56
N ALA A 115 -5.66 20.78 10.77
CA ALA A 115 -6.67 21.80 10.95
C ALA A 115 -7.86 21.23 11.69
N ILE A 116 -8.36 21.99 12.66
CA ILE A 116 -9.64 21.71 13.34
C ILE A 116 -10.55 22.87 13.02
N CYS A 117 -11.58 22.62 12.20
CA CYS A 117 -12.49 23.66 11.74
C CYS A 117 -13.47 24.07 12.83
N LYS A 118 -13.97 25.29 12.69
CA LYS A 118 -14.99 25.80 13.61
C LYS A 118 -16.11 24.78 13.78
N ARG A 119 -16.47 24.50 15.03
CA ARG A 119 -17.42 23.42 15.29
C ARG A 119 -18.81 23.75 14.75
N GLU A 120 -19.44 22.79 14.07
CA GLU A 120 -20.88 22.86 13.86
C GLU A 120 -21.56 22.26 15.09
N ASN A 121 -22.88 22.22 15.09
CA ASN A 121 -23.63 21.77 16.27
C ASN A 121 -23.14 20.38 16.71
N PRO A 122 -22.62 20.23 17.93
CA PRO A 122 -22.06 18.92 18.34
C PRO A 122 -23.06 17.92 18.89
N HIS A 123 -24.32 18.31 19.12
CA HIS A 123 -25.22 17.52 19.93
C HIS A 123 -25.83 16.39 19.14
N ASP A 124 -26.25 15.35 19.87
CA ASP A 124 -27.07 14.33 19.25
C ASP A 124 -28.50 14.81 19.11
N ALA A 125 -29.22 14.21 18.16
CA ALA A 125 -30.53 14.69 17.75
C ALA A 125 -31.47 13.51 17.61
N VAL A 126 -32.76 13.79 17.77
CA VAL A 126 -33.81 12.81 17.60
C VAL A 126 -34.60 13.18 16.35
N VAL A 127 -34.83 12.21 15.48
CA VAL A 127 -35.79 12.34 14.39
C VAL A 127 -36.97 11.42 14.70
N PHE A 128 -38.18 11.97 14.69
CA PHE A 128 -39.37 11.23 15.04
C PHE A 128 -40.10 10.75 13.78
N HIS A 129 -40.70 9.57 13.89
CA HIS A 129 -41.63 9.12 12.88
C HIS A 129 -42.66 10.22 12.61
N PRO A 130 -43.02 10.47 11.35
CA PRO A 130 -44.01 11.52 11.05
C PRO A 130 -45.25 11.48 11.93
N LYS A 131 -45.73 10.30 12.33
CA LYS A 131 -46.88 10.25 13.23
C LYS A 131 -46.59 10.88 14.58
N PHE A 132 -45.31 11.06 14.93
CA PHE A 132 -44.92 11.54 16.24
C PHE A 132 -44.35 12.96 16.20
N VAL A 133 -44.74 13.74 15.19
CA VAL A 133 -44.31 15.13 15.13
C VAL A 133 -44.84 15.89 16.33
N GLY A 134 -44.00 16.72 16.93
CA GLY A 134 -44.34 17.42 18.15
C GLY A 134 -43.91 16.73 19.43
N LYS A 135 -43.40 15.51 19.35
CA LYS A 135 -43.00 14.77 20.54
C LYS A 135 -41.54 15.03 20.89
N THR A 136 -41.16 14.60 22.09
CA THR A 136 -39.79 14.43 22.55
C THR A 136 -39.64 12.98 23.01
N LEU A 137 -38.40 12.55 23.26
CA LEU A 137 -38.24 11.22 23.84
C LEU A 137 -38.96 11.10 25.16
N GLU A 138 -39.08 12.21 25.90
CA GLU A 138 -39.77 12.21 27.18
C GLU A 138 -41.28 12.03 27.05
N THR A 139 -41.87 12.35 25.89
CA THR A 139 -43.31 12.20 25.74
C THR A 139 -43.69 11.05 24.81
N LEU A 140 -42.73 10.23 24.40
CA LEU A 140 -43.03 9.04 23.63
C LEU A 140 -43.75 8.02 24.53
N PRO A 141 -44.73 7.30 24.01
CA PRO A 141 -45.34 6.22 24.79
C PRO A 141 -44.26 5.24 25.24
N GLU A 142 -44.48 4.64 26.41
CA GLU A 142 -43.54 3.64 26.89
C GLU A 142 -43.50 2.47 25.92
N LYS A 143 -42.32 1.85 25.84
CA LYS A 143 -42.03 0.74 24.94
C LYS A 143 -41.87 1.19 23.49
N SER A 144 -41.90 2.49 23.21
CA SER A 144 -41.55 2.98 21.88
C SER A 144 -40.15 2.50 21.51
N VAL A 145 -39.94 2.23 20.23
CA VAL A 145 -38.68 1.70 19.72
C VAL A 145 -37.86 2.83 19.13
N VAL A 146 -36.64 3.03 19.64
CA VAL A 146 -35.76 4.10 19.20
C VAL A 146 -34.53 3.46 18.56
N GLY A 147 -34.23 3.86 17.33
CA GLY A 147 -33.14 3.24 16.60
C GLY A 147 -31.80 3.92 16.76
N THR A 148 -30.82 3.19 17.30
CA THR A 148 -29.45 3.68 17.31
C THR A 148 -28.51 2.49 17.37
N SER A 149 -27.40 2.59 16.65
CA SER A 149 -26.38 1.55 16.63
C SER A 149 -25.15 1.95 17.42
N SER A 150 -25.19 3.11 18.08
CA SER A 150 -24.06 3.65 18.81
C SER A 150 -24.08 3.14 20.25
N LEU A 151 -22.99 2.49 20.68
CA LEU A 151 -22.88 2.06 22.08
C LEU A 151 -23.00 3.25 23.03
N ARG A 152 -22.38 4.37 22.68
CA ARG A 152 -22.40 5.52 23.55
C ARG A 152 -23.82 6.07 23.70
N ARG A 153 -24.50 6.26 22.56
CA ARG A 153 -25.87 6.77 22.61
C ARG A 153 -26.77 5.80 23.34
N ALA A 154 -26.59 4.51 23.09
CA ALA A 154 -27.50 3.52 23.66
C ALA A 154 -27.31 3.43 25.17
N ALA A 155 -26.07 3.44 25.65
CA ALA A 155 -25.86 3.40 27.09
C ALA A 155 -26.53 4.60 27.75
N GLN A 156 -26.23 5.80 27.26
CA GLN A 156 -26.78 6.98 27.94
C GLN A 156 -28.29 7.06 27.85
N LEU A 157 -28.86 6.72 26.70
CA LEU A 157 -30.31 6.88 26.56
C LEU A 157 -31.06 5.77 27.29
N GLN A 158 -30.47 4.56 27.40
CA GLN A 158 -31.07 3.54 28.25
C GLN A 158 -31.09 3.97 29.71
N ARG A 159 -30.01 4.60 30.18
CA ARG A 159 -30.01 5.11 31.55
C ARG A 159 -31.09 6.18 31.73
N LYS A 160 -31.22 7.09 30.77
CA LYS A 160 -32.12 8.24 30.92
C LYS A 160 -33.58 7.87 30.64
N PHE A 161 -33.81 6.83 29.84
CA PHE A 161 -35.14 6.44 29.37
C PHE A 161 -35.32 4.94 29.53
N PRO A 162 -35.41 4.47 30.77
CA PRO A 162 -35.45 3.01 31.02
C PRO A 162 -36.66 2.31 30.45
N HIS A 163 -37.71 3.00 30.01
CA HIS A 163 -38.88 2.33 29.49
C HIS A 163 -39.12 2.62 28.01
N LEU A 164 -38.11 3.12 27.32
CA LEU A 164 -38.06 3.05 25.86
C LEU A 164 -37.16 1.89 25.48
N GLU A 165 -37.37 1.37 24.27
CA GLU A 165 -36.56 0.26 23.78
C GLU A 165 -35.60 0.81 22.73
N PHE A 166 -34.30 0.69 23.01
CA PHE A 166 -33.27 1.17 22.09
C PHE A 166 -32.72 -0.01 21.31
N ARG A 167 -32.92 0.02 20.01
CA ARG A 167 -32.70 -1.12 19.15
C ARG A 167 -31.76 -0.72 18.03
N SER A 168 -30.86 -1.63 17.68
CA SER A 168 -29.92 -1.36 16.62
C SER A 168 -30.66 -1.01 15.34
N ILE A 169 -30.01 -0.18 14.52
CA ILE A 169 -30.48 0.13 13.18
C ILE A 169 -29.25 0.37 12.32
N GLN A 170 -29.31 -0.08 11.06
CA GLN A 170 -28.19 0.00 10.13
C GLN A 170 -28.60 0.80 8.90
N GLY A 171 -27.59 1.43 8.28
CA GLY A 171 -27.77 2.17 7.04
C GLY A 171 -27.08 3.53 7.06
N ASN A 172 -26.87 4.13 5.89
CA ASN A 172 -26.51 5.55 5.86
C ASN A 172 -27.72 6.40 6.27
N LEU A 173 -27.54 7.72 6.29
CA LEU A 173 -28.59 8.60 6.80
C LEU A 173 -29.92 8.40 6.05
N ASN A 174 -29.86 8.41 4.71
CA ASN A 174 -31.06 8.18 3.91
C ASN A 174 -31.74 6.87 4.29
N THR A 175 -30.95 5.81 4.44
CA THR A 175 -31.56 4.50 4.69
C THR A 175 -32.21 4.44 6.07
N ARG A 176 -31.58 5.05 7.07
CA ARG A 176 -32.18 5.05 8.40
C ARG A 176 -33.46 5.86 8.42
N LEU A 177 -33.47 7.01 7.73
CA LEU A 177 -34.73 7.75 7.61
C LEU A 177 -35.81 6.90 6.96
N ARG A 178 -35.47 6.16 5.89
CA ARG A 178 -36.52 5.35 5.25
C ARG A 178 -37.02 4.26 6.19
N LYS A 179 -36.10 3.58 6.90
CA LYS A 179 -36.52 2.55 7.84
C LYS A 179 -37.46 3.13 8.90
N LEU A 180 -37.16 4.33 9.38
CA LEU A 180 -38.03 5.00 10.34
C LEU A 180 -39.41 5.26 9.74
N ASP A 181 -39.44 5.95 8.60
CA ASP A 181 -40.68 6.49 8.08
C ASP A 181 -41.65 5.40 7.62
N GLU A 182 -41.19 4.17 7.40
CA GLU A 182 -42.01 3.17 6.72
C GLU A 182 -42.23 1.91 7.56
N GLN A 183 -41.20 1.08 7.78
CA GLN A 183 -41.44 -0.26 8.30
C GLN A 183 -42.10 -0.28 9.68
N GLN A 184 -42.55 0.89 10.15
CA GLN A 184 -43.37 0.98 11.36
C GLN A 184 -42.70 0.35 12.57
N GLU A 185 -41.42 -0.01 12.46
CA GLU A 185 -40.72 -0.55 13.62
C GLU A 185 -40.34 0.56 14.58
N PHE A 186 -39.81 1.66 14.07
CA PHE A 186 -39.18 2.69 14.90
C PHE A 186 -40.11 3.87 15.09
N SER A 187 -40.19 4.35 16.34
CA SER A 187 -40.85 5.61 16.64
C SER A 187 -39.92 6.79 16.41
N ALA A 188 -38.63 6.58 16.60
CA ALA A 188 -37.62 7.62 16.49
C ALA A 188 -36.28 6.98 16.19
N ILE A 189 -35.36 7.79 15.66
CA ILE A 189 -33.96 7.40 15.55
C ILE A 189 -33.09 8.53 16.11
N ILE A 190 -31.90 8.16 16.56
CA ILE A 190 -30.91 9.10 17.08
C ILE A 190 -29.81 9.26 16.03
N LEU A 191 -29.52 10.50 15.65
CA LEU A 191 -28.44 10.81 14.70
C LEU A 191 -27.72 12.04 15.20
N ALA A 192 -26.54 12.33 14.66
CA ALA A 192 -25.89 13.59 15.03
C ALA A 192 -26.61 14.76 14.35
N THR A 193 -26.81 15.85 15.10
CA THR A 193 -27.45 17.04 14.51
C THR A 193 -26.68 17.50 13.27
N ALA A 194 -25.35 17.54 13.38
CA ALA A 194 -24.53 18.08 12.30
C ALA A 194 -24.70 17.28 11.01
N GLY A 195 -24.83 15.95 11.12
CA GLY A 195 -25.01 15.15 9.92
C GLY A 195 -26.30 15.49 9.19
N LEU A 196 -27.41 15.56 9.94
CA LEU A 196 -28.70 15.92 9.35
C LEU A 196 -28.64 17.30 8.73
N GLN A 197 -27.95 18.25 9.39
CA GLN A 197 -27.90 19.61 8.86
C GLN A 197 -27.09 19.66 7.58
N ARG A 198 -25.94 18.97 7.53
CA ARG A 198 -25.15 18.97 6.29
C ARG A 198 -25.92 18.37 5.13
N MET A 199 -26.73 17.35 5.41
CA MET A 199 -27.54 16.78 4.31
C MET A 199 -28.68 17.67 3.90
N GLY A 200 -28.84 18.85 4.50
CA GLY A 200 -29.97 19.68 4.18
C GLY A 200 -31.28 19.24 4.81
N TRP A 201 -31.23 18.39 5.84
CA TRP A 201 -32.42 17.88 6.49
C TRP A 201 -32.59 18.50 7.88
N HIS A 202 -32.30 19.80 8.00
CA HIS A 202 -32.48 20.50 9.27
C HIS A 202 -33.89 20.32 9.81
N ASN A 203 -34.88 20.37 8.92
CA ASN A 203 -36.28 20.29 9.34
C ASN A 203 -36.62 18.97 10.03
N ARG A 204 -35.82 17.92 9.82
CA ARG A 204 -36.12 16.64 10.46
C ARG A 204 -35.61 16.56 11.89
N VAL A 205 -34.73 17.48 12.31
CA VAL A 205 -34.28 17.53 13.69
C VAL A 205 -35.47 17.90 14.57
N GLY A 206 -36.08 16.90 15.21
CA GLY A 206 -37.22 17.17 16.08
C GLY A 206 -36.88 17.51 17.53
N GLN A 207 -35.72 17.03 17.99
CA GLN A 207 -35.27 17.30 19.36
C GLN A 207 -33.76 17.27 19.39
N ILE A 208 -33.15 18.27 20.02
CA ILE A 208 -31.70 18.29 20.19
C ILE A 208 -31.41 17.94 21.63
N LEU A 209 -30.66 16.85 21.83
CA LEU A 209 -30.47 16.31 23.17
C LEU A 209 -29.49 17.17 23.95
N HIS A 210 -29.90 17.56 25.16
CA HIS A 210 -29.01 18.25 26.08
C HIS A 210 -27.96 17.29 26.63
N PRO A 211 -26.84 17.80 27.15
CA PRO A 211 -25.83 16.91 27.72
C PRO A 211 -26.36 16.02 28.82
N GLU A 212 -27.34 16.49 29.60
CA GLU A 212 -27.88 15.63 30.66
C GLU A 212 -28.73 14.51 30.10
N GLU A 213 -29.14 14.60 28.83
CA GLU A 213 -29.85 13.50 28.19
C GLU A 213 -28.89 12.59 27.44
N CYS A 214 -27.93 13.17 26.70
CA CYS A 214 -26.99 12.38 25.91
C CYS A 214 -25.83 13.29 25.54
N MET A 215 -24.66 13.04 26.14
CA MET A 215 -23.45 13.78 25.80
C MET A 215 -22.89 13.25 24.48
N TYR A 216 -22.24 14.13 23.72
CA TYR A 216 -21.79 13.75 22.38
C TYR A 216 -20.44 13.01 22.40
N ALA A 217 -20.14 12.38 21.27
CA ALA A 217 -18.85 11.76 21.05
C ALA A 217 -17.74 12.80 21.05
N VAL A 218 -16.58 12.39 21.55
CA VAL A 218 -15.38 13.19 21.46
C VAL A 218 -15.19 13.66 20.03
N GLY A 219 -15.09 14.98 19.81
CA GLY A 219 -14.87 15.52 18.46
C GLY A 219 -16.11 15.71 17.61
N GLN A 220 -17.28 15.29 18.09
CA GLN A 220 -18.48 15.32 17.26
C GLN A 220 -18.77 16.76 16.83
N GLY A 221 -19.14 16.93 15.55
CA GLY A 221 -19.51 18.22 15.02
C GLY A 221 -18.36 19.05 14.49
N ALA A 222 -17.11 18.69 14.79
CA ALA A 222 -15.94 19.35 14.23
C ALA A 222 -15.43 18.55 13.05
N LEU A 223 -14.98 19.26 12.01
CA LEU A 223 -14.26 18.64 10.90
C LEU A 223 -12.76 18.76 11.15
N GLY A 224 -12.03 17.70 10.85
CA GLY A 224 -10.58 17.67 10.97
C GLY A 224 -9.94 17.40 9.62
N VAL A 225 -8.80 18.04 9.37
CA VAL A 225 -8.10 17.86 8.09
C VAL A 225 -6.80 17.10 8.37
N GLU A 226 -6.65 15.93 7.78
CA GLU A 226 -5.49 15.07 8.03
C GLU A 226 -4.53 15.23 6.85
N VAL A 227 -3.23 15.31 7.17
CA VAL A 227 -2.17 15.58 6.19
C VAL A 227 -0.94 14.80 6.59
N ARG A 228 0.06 14.75 5.69
CA ARG A 228 1.35 14.19 6.03
C ARG A 228 2.03 15.05 7.10
N ALA A 229 2.61 14.39 8.10
CA ALA A 229 3.06 15.10 9.29
C ALA A 229 4.19 16.08 9.01
N LYS A 230 5.02 15.83 8.00
CA LYS A 230 6.16 16.71 7.73
C LYS A 230 6.00 17.50 6.43
N ASP A 231 4.76 17.61 5.93
CA ASP A 231 4.50 18.33 4.70
C ASP A 231 4.25 19.79 5.09
N GLN A 232 5.33 20.57 5.17
CA GLN A 232 5.20 21.92 5.73
C GLN A 232 4.31 22.82 4.86
N ASP A 233 4.49 22.77 3.53
CA ASP A 233 3.68 23.58 2.63
C ASP A 233 2.19 23.40 2.89
N ILE A 234 1.75 22.14 3.03
CA ILE A 234 0.33 21.89 3.22
C ILE A 234 -0.10 22.28 4.64
N LEU A 235 0.75 22.01 5.63
CA LEU A 235 0.43 22.44 6.99
C LEU A 235 0.24 23.95 7.09
N ASP A 236 1.12 24.71 6.42
CA ASP A 236 0.98 26.16 6.24
C ASP A 236 -0.40 26.50 5.68
N LEU A 237 -0.74 25.91 4.53
CA LEU A 237 -2.02 26.26 3.90
C LEU A 237 -3.20 25.95 4.81
N VAL A 238 -3.25 24.75 5.40
CA VAL A 238 -4.49 24.37 6.08
C VAL A 238 -4.57 25.00 7.46
N GLY A 239 -3.43 25.49 8.01
CA GLY A 239 -3.48 26.16 9.29
C GLY A 239 -4.46 27.32 9.36
N VAL A 240 -4.79 27.92 8.22
CA VAL A 240 -5.78 29.01 8.24
C VAL A 240 -7.16 28.51 8.70
N LEU A 241 -7.41 27.20 8.65
CA LEU A 241 -8.73 26.66 9.01
C LEU A 241 -8.90 26.46 10.52
N HIS A 242 -7.81 26.38 11.27
CA HIS A 242 -7.90 26.16 12.72
C HIS A 242 -8.83 27.20 13.35
N ASP A 243 -9.83 26.75 14.10
CA ASP A 243 -10.62 27.65 14.91
C ASP A 243 -10.14 27.51 16.35
N PRO A 244 -9.56 28.57 16.95
CA PRO A 244 -8.95 28.38 18.29
C PRO A 244 -9.91 27.82 19.33
N GLU A 245 -11.14 28.34 19.43
CA GLU A 245 -12.03 27.80 20.46
C GLU A 245 -12.32 26.32 20.22
N THR A 246 -12.57 25.94 18.96
CA THR A 246 -12.84 24.54 18.67
C THR A 246 -11.59 23.68 18.87
N LEU A 247 -10.42 24.19 18.49
CA LEU A 247 -9.17 23.46 18.70
C LEU A 247 -8.97 23.13 20.19
N LEU A 248 -9.14 24.12 21.06
CA LEU A 248 -8.94 23.89 22.49
C LEU A 248 -9.96 22.90 23.04
N ARG A 249 -11.22 23.04 22.65
CA ARG A 249 -12.24 22.09 23.12
C ARG A 249 -11.90 20.68 22.67
N CYS A 250 -11.46 20.52 21.42
CA CYS A 250 -11.22 19.18 20.89
C CYS A 250 -9.92 18.59 21.43
N ILE A 251 -8.94 19.43 21.75
CA ILE A 251 -7.77 18.89 22.42
C ILE A 251 -8.17 18.34 23.78
N ALA A 252 -8.97 19.07 24.54
CA ALA A 252 -9.38 18.55 25.86
C ALA A 252 -10.15 17.24 25.73
N GLU A 253 -11.15 17.21 24.84
CA GLU A 253 -11.95 15.99 24.62
C GLU A 253 -11.09 14.80 24.18
N ARG A 254 -10.20 15.00 23.19
CA ARG A 254 -9.35 13.91 22.74
C ARG A 254 -8.35 13.50 23.81
N ALA A 255 -7.81 14.44 24.59
CA ALA A 255 -6.86 14.04 25.61
C ALA A 255 -7.54 13.22 26.71
N PHE A 256 -8.78 13.58 27.06
CA PHE A 256 -9.57 12.78 27.99
C PHE A 256 -9.75 11.35 27.50
N LEU A 257 -10.25 11.21 26.26
CA LEU A 257 -10.47 9.87 25.71
C LEU A 257 -9.17 9.07 25.59
N ARG A 258 -8.10 9.71 25.11
N ARG A 258 -8.11 9.70 25.09
CA ARG A 258 -6.82 9.00 24.97
CA ARG A 258 -6.82 9.05 24.97
C ARG A 258 -6.32 8.50 26.32
C ARG A 258 -6.35 8.50 26.31
N HIS A 259 -6.43 9.32 27.37
CA HIS A 259 -5.92 8.87 28.66
C HIS A 259 -6.79 7.75 29.24
N LEU A 260 -8.08 7.70 28.90
CA LEU A 260 -8.90 6.54 29.27
C LEU A 260 -8.71 5.34 28.33
N GLU A 261 -8.19 5.55 27.11
CA GLU A 261 -8.09 4.49 26.09
C GLU A 261 -9.46 3.88 25.78
N GLY A 262 -10.45 4.75 25.55
CA GLY A 262 -11.83 4.28 25.40
C GLY A 262 -12.06 3.46 24.13
N GLY A 263 -11.39 3.82 23.04
CA GLY A 263 -11.60 3.03 21.84
C GLY A 263 -13.03 3.10 21.32
N CYS A 264 -13.43 2.07 20.59
CA CYS A 264 -14.77 1.98 20.04
C CYS A 264 -15.69 1.09 20.86
N SER A 265 -15.15 0.35 21.82
CA SER A 265 -15.90 -0.68 22.52
C SER A 265 -16.47 -0.23 23.87
N VAL A 266 -16.15 0.97 24.34
CA VAL A 266 -16.58 1.45 25.64
C VAL A 266 -17.35 2.76 25.45
N PRO A 267 -18.56 2.89 26.05
CA PRO A 267 -19.30 4.17 25.98
C PRO A 267 -18.59 5.26 26.76
N VAL A 268 -18.09 6.27 26.04
CA VAL A 268 -17.39 7.42 26.62
C VAL A 268 -17.93 8.66 25.94
N ALA A 269 -18.24 9.71 26.72
CA ALA A 269 -18.86 10.90 26.10
C ALA A 269 -18.43 12.15 26.83
N VAL A 270 -18.61 13.31 26.18
CA VAL A 270 -18.07 14.55 26.68
C VAL A 270 -19.03 15.70 26.41
N HIS A 271 -18.77 16.81 27.10
CA HIS A 271 -19.36 18.11 26.80
C HIS A 271 -18.31 19.16 27.11
N THR A 272 -18.08 20.09 26.18
CA THR A 272 -17.17 21.18 26.51
C THR A 272 -17.84 22.53 26.24
N ALA A 273 -17.40 23.52 26.99
CA ALA A 273 -17.89 24.86 26.76
C ALA A 273 -16.79 25.84 27.16
N MET A 274 -16.60 26.90 26.38
CA MET A 274 -15.68 27.97 26.76
C MET A 274 -16.52 29.19 27.03
N LYS A 275 -16.52 29.63 28.28
CA LYS A 275 -17.34 30.78 28.66
C LYS A 275 -16.66 31.47 29.83
N ASP A 276 -16.65 32.80 29.77
CA ASP A 276 -16.18 33.63 30.88
C ASP A 276 -14.75 33.25 31.29
N GLY A 277 -13.89 33.06 30.29
CA GLY A 277 -12.51 32.75 30.54
C GLY A 277 -12.22 31.32 30.96
N GLN A 278 -13.23 30.47 31.08
CA GLN A 278 -13.02 29.10 31.51
C GLN A 278 -13.28 28.14 30.36
N LEU A 279 -12.57 27.04 30.36
CA LEU A 279 -12.92 25.87 29.58
C LEU A 279 -13.48 24.83 30.55
N TYR A 280 -14.73 24.43 30.32
CA TYR A 280 -15.43 23.40 31.10
C TYR A 280 -15.40 22.12 30.29
N LEU A 281 -14.94 21.03 30.90
CA LEU A 281 -14.98 19.71 30.30
C LEU A 281 -15.77 18.78 31.22
N THR A 282 -16.85 18.21 30.71
CA THR A 282 -17.58 17.16 31.38
C THR A 282 -17.27 15.87 30.63
N GLY A 283 -17.01 14.81 31.35
CA GLY A 283 -16.69 13.55 30.73
C GLY A 283 -17.33 12.42 31.52
N GLY A 284 -17.74 11.39 30.79
CA GLY A 284 -18.42 10.26 31.40
C GLY A 284 -18.05 8.95 30.76
N VAL A 285 -18.17 7.87 31.56
CA VAL A 285 -18.08 6.50 31.08
C VAL A 285 -19.31 5.76 31.59
N TRP A 286 -19.82 4.84 30.76
CA TRP A 286 -20.97 4.02 31.14
C TRP A 286 -20.74 2.55 30.78
N SER A 287 -21.37 1.66 31.56
CA SER A 287 -21.56 0.28 31.11
C SER A 287 -22.46 0.27 29.88
N LEU A 288 -22.43 -0.86 29.14
CA LEU A 288 -23.16 -0.90 27.88
C LEU A 288 -24.65 -0.67 28.08
N ASP A 289 -25.20 -1.14 29.19
CA ASP A 289 -26.63 -0.93 29.43
C ASP A 289 -26.91 0.40 30.13
N GLY A 290 -25.87 1.17 30.45
CA GLY A 290 -26.01 2.46 31.10
C GLY A 290 -26.25 2.42 32.60
N SER A 291 -26.32 1.22 33.20
CA SER A 291 -26.65 1.14 34.62
C SER A 291 -25.48 1.56 35.51
N ASP A 292 -24.25 1.36 35.08
CA ASP A 292 -23.08 1.86 35.80
C ASP A 292 -22.56 3.10 35.11
N SER A 293 -22.27 4.15 35.87
CA SER A 293 -21.78 5.37 35.25
C SER A 293 -20.89 6.15 36.22
N ILE A 294 -19.88 6.78 35.67
CA ILE A 294 -19.05 7.76 36.36
C ILE A 294 -18.98 8.99 35.47
N GLN A 295 -19.38 10.14 35.99
CA GLN A 295 -19.31 11.36 35.18
C GLN A 295 -18.92 12.49 36.10
N GLU A 296 -18.05 13.37 35.60
CA GLU A 296 -17.58 14.50 36.39
C GLU A 296 -17.23 15.67 35.48
N THR A 297 -17.14 16.85 36.08
CA THR A 297 -16.81 18.07 35.34
C THR A 297 -15.59 18.71 35.99
N MET A 298 -14.62 19.11 35.19
CA MET A 298 -13.53 19.97 35.66
C MET A 298 -13.48 21.22 34.77
N GLN A 299 -12.79 22.24 35.24
CA GLN A 299 -12.64 23.47 34.49
C GLN A 299 -11.22 23.99 34.67
N ALA A 300 -10.80 24.81 33.71
CA ALA A 300 -9.51 25.46 33.78
C ALA A 300 -9.66 26.87 33.23
N THR A 301 -8.82 27.79 33.69
CA THR A 301 -8.80 29.15 33.16
C THR A 301 -7.99 29.13 31.88
N ILE A 302 -8.64 29.27 30.73
CA ILE A 302 -7.96 29.20 29.44
C ILE A 302 -8.56 30.27 28.53
N HIS A 303 -7.75 31.26 28.16
CA HIS A 303 -8.18 32.36 27.29
C HIS A 303 -8.11 31.91 25.82
N VAL A 304 -9.20 32.11 25.07
CA VAL A 304 -9.22 31.79 23.64
C VAL A 304 -8.26 32.75 22.94
N PRO A 305 -7.14 32.28 22.40
CA PRO A 305 -6.17 33.21 21.83
C PRO A 305 -6.72 33.82 20.55
N ALA A 306 -6.57 35.14 20.42
CA ALA A 306 -7.00 35.86 19.22
C ALA A 306 -5.87 36.06 18.21
N GLN A 307 -4.62 35.91 18.62
CA GLN A 307 -3.47 36.11 17.75
C GLN A 307 -2.99 34.79 17.16
N HIS A 308 -2.45 34.86 15.94
CA HIS A 308 -1.73 33.73 15.36
C HIS A 308 -0.23 33.92 15.60
N GLU A 309 0.53 32.84 15.34
CA GLU A 309 1.99 32.78 15.58
C GLU A 309 2.64 31.89 14.53
N ASP A 310 3.97 31.94 14.47
CA ASP A 310 4.77 31.03 13.62
C ASP A 310 5.63 30.15 14.53
N GLY A 311 5.01 29.17 15.19
CA GLY A 311 5.70 28.36 16.18
C GLY A 311 6.72 27.40 15.59
N PRO A 312 7.66 26.92 16.42
CA PRO A 312 8.76 26.11 15.90
C PRO A 312 8.30 24.78 15.34
N GLU A 313 8.94 24.35 14.25
CA GLU A 313 8.54 23.11 13.57
C GLU A 313 8.71 21.86 14.43
N ASP A 314 9.60 21.87 15.42
CA ASP A 314 9.89 20.66 16.17
C ASP A 314 9.06 20.53 17.43
N ASP A 315 8.07 21.40 17.64
CA ASP A 315 7.15 21.20 18.77
C ASP A 315 6.29 19.98 18.50
N PRO A 316 6.20 19.03 19.45
CA PRO A 316 5.38 17.84 19.21
C PRO A 316 3.93 18.19 18.94
N GLN A 317 3.26 17.31 18.20
CA GLN A 317 1.82 17.36 18.05
C GLN A 317 1.14 17.10 19.39
N LEU A 318 -0.09 17.57 19.52
CA LEU A 318 -0.88 17.33 20.73
C LEU A 318 -2.11 16.51 20.36
N VAL A 319 -2.18 15.29 20.92
CA VAL A 319 -3.24 14.33 20.60
C VAL A 319 -3.45 14.27 19.08
N GLY A 320 -2.34 14.14 18.34
CA GLY A 320 -2.40 14.00 16.91
C GLY A 320 -2.70 15.28 16.12
N ILE A 321 -2.65 16.46 16.75
CA ILE A 321 -3.01 17.72 16.11
C ILE A 321 -1.78 18.62 16.02
N THR A 322 -1.55 19.20 14.85
CA THR A 322 -0.52 20.20 14.61
C THR A 322 -1.21 21.55 14.48
N ALA A 323 -0.88 22.47 15.38
CA ALA A 323 -1.42 23.82 15.34
C ALA A 323 -0.32 24.76 15.83
N ARG A 324 0.76 24.83 15.05
CA ARG A 324 1.90 25.65 15.40
C ARG A 324 1.64 27.13 15.18
N ASN A 325 0.53 27.49 14.53
CA ASN A 325 0.17 28.89 14.32
C ASN A 325 -0.82 29.39 15.36
N ILE A 326 -1.14 28.57 16.36
CA ILE A 326 -2.02 28.93 17.47
C ILE A 326 -1.19 28.85 18.72
N PRO A 327 -1.22 29.85 19.61
CA PRO A 327 -0.38 29.79 20.81
C PRO A 327 -0.45 28.43 21.48
N ARG A 328 0.72 27.96 21.93
CA ARG A 328 0.81 26.61 22.45
C ARG A 328 0.35 26.50 23.91
N GLY A 329 0.55 27.55 24.72
CA GLY A 329 0.18 27.51 26.12
C GLY A 329 -1.24 27.03 26.38
N PRO A 330 -2.22 27.66 25.73
CA PRO A 330 -3.62 27.19 25.90
C PRO A 330 -3.84 25.77 25.43
N GLN A 331 -3.16 25.34 24.37
CA GLN A 331 -3.35 23.97 23.91
C GLN A 331 -2.88 22.97 24.95
N LEU A 332 -1.71 23.24 25.54
CA LEU A 332 -1.21 22.38 26.62
C LEU A 332 -2.17 22.39 27.80
N ALA A 333 -2.71 23.56 28.13
CA ALA A 333 -3.64 23.65 29.26
C ALA A 333 -4.89 22.82 28.98
N ALA A 334 -5.34 22.81 27.73
CA ALA A 334 -6.53 22.01 27.39
C ALA A 334 -6.23 20.51 27.44
N GLN A 335 -5.08 20.10 26.88
CA GLN A 335 -4.69 18.70 27.02
C GLN A 335 -4.59 18.32 28.51
N ASN A 336 -4.04 19.20 29.34
CA ASN A 336 -3.92 18.91 30.77
C ASN A 336 -5.28 18.75 31.44
N LEU A 337 -6.26 19.57 31.05
CA LEU A 337 -7.60 19.40 31.60
C LEU A 337 -8.15 18.03 31.26
N GLY A 338 -7.98 17.61 30.01
CA GLY A 338 -8.49 16.28 29.65
C GLY A 338 -7.84 15.15 30.44
N ILE A 339 -6.51 15.23 30.63
CA ILE A 339 -5.81 14.21 31.43
C ILE A 339 -6.29 14.23 32.89
N SER A 340 -6.41 15.44 33.46
CA SER A 340 -6.89 15.59 34.83
C SER A 340 -8.23 14.89 35.03
N LEU A 341 -9.18 15.15 34.14
CA LEU A 341 -10.51 14.57 34.29
C LEU A 341 -10.49 13.05 34.12
N ALA A 342 -9.69 12.54 33.17
CA ALA A 342 -9.61 11.10 33.02
C ALA A 342 -9.07 10.46 34.31
N ASN A 343 -8.09 11.11 34.95
CA ASN A 343 -7.49 10.60 36.18
C ASN A 343 -8.49 10.61 37.33
N LEU A 344 -9.33 11.64 37.40
CA LEU A 344 -10.40 11.66 38.39
C LEU A 344 -11.36 10.49 38.17
N LEU A 345 -11.77 10.27 36.92
CA LEU A 345 -12.66 9.14 36.65
C LEU A 345 -12.01 7.81 37.01
N LEU A 346 -10.72 7.62 36.66
CA LEU A 346 -10.02 6.40 37.04
C LEU A 346 -9.98 6.23 38.56
N SER A 347 -9.79 7.32 39.30
CA SER A 347 -9.75 7.17 40.76
C SER A 347 -11.10 6.80 41.33
N LYS A 348 -12.18 7.02 40.57
CA LYS A 348 -13.52 6.62 41.01
C LYS A 348 -14.00 5.30 40.39
N GLY A 349 -13.15 4.60 39.66
CA GLY A 349 -13.46 3.26 39.20
C GLY A 349 -13.69 3.08 37.71
N ALA A 350 -13.35 4.07 36.89
CA ALA A 350 -13.64 3.97 35.46
C ALA A 350 -13.04 2.72 34.83
N LYS A 351 -11.88 2.26 35.32
CA LYS A 351 -11.23 1.13 34.67
C LYS A 351 -12.07 -0.15 34.80
N ASN A 352 -12.79 -0.32 35.91
N ASN A 352 -12.76 -0.32 35.94
CA ASN A 352 -13.65 -1.48 36.04
CA ASN A 352 -13.69 -1.44 36.09
C ASN A 352 -14.77 -1.45 35.01
C ASN A 352 -14.74 -1.43 34.99
N ILE A 353 -15.36 -0.26 34.78
CA ILE A 353 -16.42 -0.13 33.79
C ILE A 353 -15.88 -0.39 32.39
N LEU A 354 -14.74 0.22 32.06
CA LEU A 354 -14.12 -0.01 30.75
C LEU A 354 -13.82 -1.49 30.52
N ASP A 355 -13.19 -2.14 31.52
CA ASP A 355 -12.81 -3.53 31.35
C ASP A 355 -14.05 -4.42 31.17
N VAL A 356 -15.10 -4.19 31.95
CA VAL A 356 -16.32 -4.98 31.79
C VAL A 356 -16.94 -4.73 30.42
N ALA A 357 -17.04 -3.46 30.01
CA ALA A 357 -17.63 -3.16 28.71
C ALA A 357 -16.85 -3.84 27.58
N ARG A 358 -15.52 -3.82 27.69
CA ARG A 358 -14.68 -4.34 26.61
C ARG A 358 -14.62 -5.87 26.60
N GLN A 359 -14.81 -6.52 27.75
CA GLN A 359 -14.93 -7.97 27.77
C GLN A 359 -16.14 -8.46 26.99
N LEU A 360 -17.08 -7.57 26.69
CA LEU A 360 -18.27 -7.88 25.91
C LEU A 360 -18.03 -7.70 24.41
N ASN A 361 -16.76 -7.60 23.98
CA ASN A 361 -16.36 -7.43 22.59
C ASN A 361 -17.36 -6.61 21.78
N MET B 21 38.97 -36.29 -30.21
CA MET B 21 40.01 -36.58 -29.22
C MET B 21 39.53 -36.17 -27.83
N ARG B 22 39.25 -34.88 -27.69
CA ARG B 22 38.82 -34.30 -26.42
C ARG B 22 37.35 -33.91 -26.56
N VAL B 23 36.50 -34.57 -25.79
CA VAL B 23 35.07 -34.37 -25.84
C VAL B 23 34.70 -33.46 -24.67
N ILE B 24 34.35 -32.22 -24.98
CA ILE B 24 33.70 -31.32 -24.03
C ILE B 24 32.25 -31.77 -23.90
N ARG B 25 31.82 -32.09 -22.68
CA ARG B 25 30.50 -32.62 -22.43
C ARG B 25 29.59 -31.50 -21.93
N VAL B 26 28.39 -31.43 -22.49
CA VAL B 26 27.48 -30.32 -22.26
C VAL B 26 26.16 -30.88 -21.74
N GLY B 27 25.75 -30.43 -20.57
CA GLY B 27 24.57 -30.96 -19.90
C GLY B 27 23.36 -30.07 -20.13
N THR B 28 22.21 -30.71 -20.37
CA THR B 28 20.98 -29.97 -20.67
C THR B 28 19.80 -30.66 -20.01
N ARG B 29 18.77 -29.87 -19.71
CA ARG B 29 17.48 -30.44 -19.35
C ARG B 29 16.80 -31.01 -20.60
N LYS B 30 16.04 -32.08 -20.40
CA LYS B 30 15.37 -32.77 -21.50
C LYS B 30 14.25 -31.94 -22.13
N SER B 31 13.96 -30.76 -21.58
CA SER B 31 12.95 -29.89 -22.16
C SER B 31 13.35 -29.46 -23.57
N GLN B 32 12.37 -29.35 -24.45
CA GLN B 32 12.63 -28.96 -25.83
C GLN B 32 13.28 -27.58 -25.89
N LEU B 33 12.75 -26.62 -25.12
CA LEU B 33 13.32 -25.29 -25.09
C LEU B 33 14.75 -25.30 -24.53
N ALA B 34 14.98 -26.06 -23.45
CA ALA B 34 16.34 -26.19 -22.93
C ALA B 34 17.26 -26.78 -23.98
N ARG B 35 16.79 -27.79 -24.72
CA ARG B 35 17.62 -28.42 -25.74
C ARG B 35 17.95 -27.45 -26.86
N ILE B 36 17.00 -26.59 -27.23
CA ILE B 36 17.24 -25.62 -28.29
C ILE B 36 18.26 -24.57 -27.84
N GLN B 37 18.13 -24.06 -26.61
CA GLN B 37 19.11 -23.11 -26.10
C GLN B 37 20.50 -23.71 -26.06
N THR B 38 20.58 -24.96 -25.59
CA THR B 38 21.87 -25.64 -25.51
C THR B 38 22.46 -25.83 -26.89
N ASP B 39 21.63 -26.28 -27.86
CA ASP B 39 22.10 -26.41 -29.24
C ASP B 39 22.71 -25.10 -29.73
N SER B 40 22.04 -23.97 -29.46
CA SER B 40 22.53 -22.71 -30.03
C SER B 40 23.88 -22.32 -29.42
N VAL B 41 24.04 -22.53 -28.11
CA VAL B 41 25.34 -22.29 -27.48
C VAL B 41 26.41 -23.26 -28.00
N VAL B 42 26.05 -24.54 -28.17
CA VAL B 42 27.02 -25.50 -28.70
C VAL B 42 27.43 -25.14 -30.12
N ALA B 43 26.49 -24.66 -30.94
CA ALA B 43 26.84 -24.21 -32.28
C ALA B 43 27.87 -23.10 -32.23
N THR B 44 27.67 -22.15 -31.32
CA THR B 44 28.66 -21.07 -31.19
C THR B 44 30.02 -21.60 -30.74
N LEU B 45 30.02 -22.51 -29.75
CA LEU B 45 31.30 -23.05 -29.29
C LEU B 45 31.99 -23.83 -30.40
N LYS B 46 31.24 -24.62 -31.17
CA LYS B 46 31.84 -25.38 -32.25
C LYS B 46 32.48 -24.44 -33.26
N ALA B 47 31.81 -23.32 -33.55
CA ALA B 47 32.38 -22.36 -34.49
C ALA B 47 33.65 -21.73 -33.94
N SER B 48 33.67 -21.39 -32.65
CA SER B 48 34.89 -20.81 -32.09
C SER B 48 35.98 -21.84 -31.86
N TYR B 49 35.63 -23.11 -31.64
CA TYR B 49 36.60 -24.14 -31.31
C TYR B 49 36.44 -25.31 -32.26
N PRO B 50 36.89 -25.15 -33.51
CA PRO B 50 36.66 -26.23 -34.50
C PRO B 50 37.50 -27.46 -34.25
N GLY B 51 38.60 -27.38 -33.48
CA GLY B 51 39.35 -28.57 -33.16
C GLY B 51 38.81 -29.38 -31.99
N LEU B 52 37.75 -28.91 -31.34
CA LEU B 52 37.16 -29.60 -30.21
C LEU B 52 35.89 -30.33 -30.62
N GLN B 53 35.64 -31.44 -29.92
CA GLN B 53 34.40 -32.21 -30.03
C GLN B 53 33.47 -31.85 -28.88
N PHE B 54 32.19 -31.70 -29.19
CA PHE B 54 31.18 -31.36 -28.19
C PHE B 54 30.11 -32.45 -28.13
N GLU B 55 29.75 -32.85 -26.92
CA GLU B 55 28.75 -33.88 -26.68
C GLU B 55 27.72 -33.35 -25.70
N ILE B 56 26.45 -33.39 -26.09
CA ILE B 56 25.34 -32.91 -25.26
C ILE B 56 24.81 -34.06 -24.41
N ILE B 57 24.60 -33.81 -23.12
CA ILE B 57 24.20 -34.84 -22.17
C ILE B 57 22.87 -34.41 -21.55
N ALA B 58 21.80 -35.12 -21.89
CA ALA B 58 20.49 -34.81 -21.35
C ALA B 58 20.25 -35.60 -20.06
N MET B 59 19.71 -34.92 -19.05
CA MET B 59 19.53 -35.50 -17.73
C MET B 59 18.10 -35.35 -17.26
N SER B 60 17.56 -36.43 -16.67
CA SER B 60 16.25 -36.37 -16.05
C SER B 60 16.19 -35.26 -15.02
N THR B 61 15.11 -34.48 -15.04
CA THR B 61 14.93 -33.37 -14.10
C THR B 61 13.46 -33.08 -13.83
N GLU B 76 11.55 -24.71 -2.98
CA GLU B 76 11.89 -23.85 -4.11
C GLU B 76 13.38 -23.49 -4.09
N LYS B 77 13.65 -22.19 -4.22
CA LYS B 77 15.01 -21.66 -4.21
C LYS B 77 15.71 -21.88 -5.53
N SER B 78 16.24 -23.10 -5.75
CA SER B 78 17.00 -23.44 -6.96
C SER B 78 16.41 -24.72 -7.55
N LEU B 79 15.32 -24.59 -8.29
CA LEU B 79 14.63 -25.76 -8.85
C LEU B 79 15.41 -26.34 -10.03
N PHE B 80 15.68 -25.52 -11.04
CA PHE B 80 16.17 -25.99 -12.32
C PHE B 80 17.66 -26.33 -12.34
N THR B 81 18.38 -26.15 -11.23
CA THR B 81 19.83 -26.14 -11.29
C THR B 81 20.54 -27.18 -10.42
N LYS B 82 19.85 -27.81 -9.48
CA LYS B 82 20.54 -28.70 -8.54
C LYS B 82 21.10 -29.93 -9.23
N GLU B 83 20.27 -30.66 -9.97
CA GLU B 83 20.72 -31.89 -10.62
C GLU B 83 21.91 -31.63 -11.54
N LEU B 84 21.85 -30.56 -12.33
CA LEU B 84 22.92 -30.27 -13.27
C LEU B 84 24.19 -29.84 -12.56
N GLU B 85 24.08 -29.12 -11.45
CA GLU B 85 25.26 -28.81 -10.66
C GLU B 85 25.87 -30.07 -10.06
N HIS B 86 25.02 -31.01 -9.62
CA HIS B 86 25.52 -32.29 -9.14
C HIS B 86 26.30 -33.02 -10.23
N ALA B 87 25.80 -32.96 -11.47
CA ALA B 87 26.55 -33.53 -12.58
C ALA B 87 27.87 -32.80 -12.80
N LEU B 88 27.86 -31.48 -12.72
CA LEU B 88 29.11 -30.71 -12.84
C LEU B 88 30.12 -31.16 -11.80
N GLU B 89 29.67 -31.46 -10.58
CA GLU B 89 30.61 -31.80 -9.52
C GLU B 89 31.23 -33.17 -9.71
N LYS B 90 30.47 -34.12 -10.26
CA LYS B 90 31.01 -35.42 -10.62
C LYS B 90 31.96 -35.37 -11.81
N ASN B 91 32.14 -34.21 -12.44
CA ASN B 91 32.82 -34.15 -13.73
C ASN B 91 32.14 -35.03 -14.77
N GLU B 92 30.82 -35.16 -14.65
CA GLU B 92 30.02 -35.85 -15.65
C GLU B 92 29.74 -34.98 -16.86
N VAL B 93 29.57 -33.67 -16.65
CA VAL B 93 29.56 -32.69 -17.72
C VAL B 93 30.54 -31.60 -17.34
N ASP B 94 30.88 -30.76 -18.32
CA ASP B 94 31.81 -29.67 -18.11
C ASP B 94 31.15 -28.30 -18.10
N LEU B 95 29.94 -28.20 -18.63
CA LEU B 95 29.20 -26.94 -18.61
C LEU B 95 27.74 -27.26 -18.82
N VAL B 96 26.87 -26.38 -18.31
CA VAL B 96 25.44 -26.50 -18.51
C VAL B 96 24.92 -25.15 -19.00
N VAL B 97 23.89 -25.19 -19.82
CA VAL B 97 23.28 -23.98 -20.37
C VAL B 97 21.93 -23.78 -19.70
N HIS B 98 21.72 -22.57 -19.15
CA HIS B 98 20.45 -22.20 -18.55
C HIS B 98 19.97 -20.87 -19.12
N SER B 99 18.67 -20.63 -18.96
CA SER B 99 18.18 -19.26 -19.04
C SER B 99 18.73 -18.51 -17.84
N LEU B 100 19.34 -17.34 -18.07
CA LEU B 100 20.01 -16.65 -16.97
C LEU B 100 19.04 -16.38 -15.82
N LYS B 101 17.80 -16.00 -16.11
CA LYS B 101 16.87 -15.69 -15.02
C LYS B 101 16.63 -16.87 -14.08
N ASP B 102 16.94 -18.09 -14.54
CA ASP B 102 16.73 -19.31 -13.78
C ASP B 102 17.86 -19.60 -12.79
N LEU B 103 18.98 -18.87 -12.86
CA LEU B 103 20.10 -19.02 -11.95
C LEU B 103 19.97 -18.05 -10.78
N PRO B 104 19.98 -18.56 -9.54
CA PRO B 104 19.88 -17.68 -8.37
C PRO B 104 21.01 -16.66 -8.32
N THR B 105 20.77 -15.57 -7.59
CA THR B 105 21.78 -14.53 -7.44
C THR B 105 22.96 -14.99 -6.61
N VAL B 106 22.80 -16.05 -5.82
CA VAL B 106 23.90 -16.67 -5.09
C VAL B 106 24.02 -18.11 -5.55
N LEU B 107 25.16 -18.47 -6.13
CA LEU B 107 25.29 -19.85 -6.53
C LEU B 107 26.05 -20.64 -5.48
N PRO B 108 25.75 -21.93 -5.37
CA PRO B 108 26.45 -22.77 -4.38
C PRO B 108 27.95 -22.69 -4.56
N PRO B 109 28.71 -23.18 -3.57
CA PRO B 109 30.17 -23.13 -3.69
C PRO B 109 30.67 -24.03 -4.82
N GLY B 110 31.70 -23.56 -5.52
CA GLY B 110 32.30 -24.32 -6.59
C GLY B 110 31.60 -24.21 -7.93
N PHE B 111 30.57 -23.37 -8.04
CA PHE B 111 29.88 -23.15 -9.30
C PHE B 111 29.89 -21.67 -9.64
N THR B 112 29.99 -21.37 -10.93
CA THR B 112 30.01 -19.98 -11.35
C THR B 112 29.48 -19.89 -12.76
N ILE B 113 29.01 -18.71 -13.13
CA ILE B 113 28.55 -18.43 -14.49
C ILE B 113 29.75 -18.01 -15.31
N GLY B 114 30.21 -18.90 -16.19
CA GLY B 114 31.36 -18.60 -17.02
C GLY B 114 31.07 -17.77 -18.25
N ALA B 115 29.82 -17.67 -18.66
CA ALA B 115 29.51 -16.86 -19.83
C ALA B 115 28.08 -16.34 -19.75
N ILE B 116 27.91 -15.07 -20.09
CA ILE B 116 26.60 -14.48 -20.33
C ILE B 116 26.55 -14.16 -21.82
N CYS B 117 25.69 -14.86 -22.55
CA CYS B 117 25.65 -14.71 -24.00
C CYS B 117 24.82 -13.49 -24.40
N LYS B 118 25.06 -13.01 -25.62
CA LYS B 118 24.37 -11.86 -26.14
C LYS B 118 22.87 -12.01 -25.97
N ARG B 119 22.26 -11.03 -25.33
CA ARG B 119 20.86 -11.13 -24.95
C ARG B 119 19.97 -11.21 -26.18
N GLU B 120 18.96 -12.07 -26.10
CA GLU B 120 17.87 -12.08 -27.06
C GLU B 120 16.79 -11.12 -26.53
N ASN B 121 15.67 -11.01 -27.23
CA ASN B 121 14.60 -10.10 -26.80
C ASN B 121 14.20 -10.40 -25.36
N PRO B 122 14.37 -9.45 -24.43
CA PRO B 122 14.04 -9.71 -23.02
C PRO B 122 12.59 -9.47 -22.64
N HIS B 123 11.76 -8.99 -23.56
CA HIS B 123 10.44 -8.51 -23.19
C HIS B 123 9.48 -9.67 -22.96
N ASP B 124 8.51 -9.42 -22.08
CA ASP B 124 7.34 -10.28 -21.95
C ASP B 124 6.40 -10.08 -23.14
N ALA B 125 5.60 -11.10 -23.43
CA ALA B 125 4.76 -11.10 -24.62
C ALA B 125 3.41 -11.71 -24.28
N VAL B 126 2.42 -11.38 -25.10
CA VAL B 126 1.07 -11.92 -24.96
C VAL B 126 0.80 -12.82 -26.14
N VAL B 127 0.26 -14.00 -25.87
CA VAL B 127 -0.30 -14.86 -26.90
C VAL B 127 -1.81 -14.87 -26.67
N PHE B 128 -2.57 -14.56 -27.73
CA PHE B 128 -4.01 -14.46 -27.63
C PHE B 128 -4.67 -15.74 -28.13
N HIS B 129 -5.81 -16.07 -27.53
CA HIS B 129 -6.63 -17.15 -28.04
C HIS B 129 -6.87 -16.90 -29.52
N PRO B 130 -6.96 -17.95 -30.34
CA PRO B 130 -7.18 -17.74 -31.78
C PRO B 130 -8.31 -16.78 -32.12
N LYS B 131 -9.41 -16.81 -31.38
CA LYS B 131 -10.50 -15.89 -31.69
C LYS B 131 -10.08 -14.44 -31.52
N PHE B 132 -9.32 -14.14 -30.48
CA PHE B 132 -8.94 -12.77 -30.15
C PHE B 132 -7.72 -12.30 -30.93
N VAL B 133 -7.53 -12.79 -32.15
CA VAL B 133 -6.38 -12.37 -32.96
C VAL B 133 -6.52 -10.90 -33.31
N GLY B 134 -5.39 -10.19 -33.32
CA GLY B 134 -5.39 -8.75 -33.54
C GLY B 134 -5.68 -7.91 -32.31
N LYS B 135 -6.01 -8.55 -31.18
CA LYS B 135 -6.27 -7.83 -29.94
C LYS B 135 -4.96 -7.46 -29.25
N THR B 136 -5.08 -6.54 -28.30
CA THR B 136 -4.08 -6.25 -27.28
C THR B 136 -4.77 -6.41 -25.94
N LEU B 137 -3.98 -6.51 -24.86
CA LEU B 137 -4.60 -6.56 -23.54
C LEU B 137 -5.52 -5.36 -23.34
N GLU B 138 -5.16 -4.22 -23.91
CA GLU B 138 -5.92 -2.98 -23.78
C GLU B 138 -7.28 -3.04 -24.47
N THR B 139 -7.47 -3.96 -25.42
CA THR B 139 -8.74 -4.07 -26.14
C THR B 139 -9.45 -5.38 -25.87
N LEU B 140 -8.98 -6.18 -24.90
CA LEU B 140 -9.76 -7.34 -24.49
C LEU B 140 -10.98 -6.88 -23.71
N PRO B 141 -12.09 -7.63 -23.78
CA PRO B 141 -13.24 -7.31 -22.93
C PRO B 141 -12.87 -7.40 -21.45
N GLU B 142 -13.51 -6.56 -20.64
CA GLU B 142 -13.33 -6.63 -19.20
C GLU B 142 -13.67 -8.04 -18.70
N LYS B 143 -12.96 -8.48 -17.68
CA LYS B 143 -13.07 -9.80 -17.06
C LYS B 143 -12.47 -10.90 -17.93
N SER B 144 -11.89 -10.59 -19.09
CA SER B 144 -11.14 -11.60 -19.83
C SER B 144 -10.06 -12.21 -18.93
N VAL B 145 -9.85 -13.51 -19.08
CA VAL B 145 -8.92 -14.26 -18.22
C VAL B 145 -7.59 -14.41 -18.93
N VAL B 146 -6.52 -13.95 -18.29
CA VAL B 146 -5.17 -14.00 -18.85
C VAL B 146 -4.35 -14.93 -17.97
N GLY B 147 -3.69 -15.92 -18.61
CA GLY B 147 -2.99 -16.93 -17.86
C GLY B 147 -1.56 -16.60 -17.54
N THR B 148 -1.20 -16.59 -16.24
CA THR B 148 0.18 -16.42 -15.83
C THR B 148 0.34 -16.90 -14.39
N SER B 149 1.52 -17.46 -14.09
CA SER B 149 1.87 -17.85 -12.73
C SER B 149 3.07 -17.08 -12.19
N SER B 150 3.49 -16.01 -12.87
CA SER B 150 4.60 -15.17 -12.43
C SER B 150 4.07 -14.06 -11.53
N LEU B 151 4.47 -14.08 -10.26
CA LEU B 151 4.09 -13.00 -9.36
C LEU B 151 4.48 -11.64 -9.93
N ARG B 152 5.65 -11.57 -10.58
CA ARG B 152 6.09 -10.33 -11.20
C ARG B 152 5.07 -9.86 -12.25
N ARG B 153 4.74 -10.75 -13.17
CA ARG B 153 3.81 -10.42 -14.24
C ARG B 153 2.43 -10.09 -13.66
N ALA B 154 1.94 -10.93 -12.75
CA ALA B 154 0.62 -10.71 -12.18
C ALA B 154 0.52 -9.34 -11.52
N ALA B 155 1.49 -9.00 -10.67
CA ALA B 155 1.44 -7.70 -9.99
C ALA B 155 1.42 -6.55 -11.00
N GLN B 156 2.42 -6.52 -11.90
CA GLN B 156 2.48 -5.40 -12.83
C GLN B 156 1.23 -5.29 -13.69
N LEU B 157 0.72 -6.43 -14.18
CA LEU B 157 -0.40 -6.40 -15.11
C LEU B 157 -1.71 -6.09 -14.39
N GLN B 158 -1.87 -6.53 -13.14
CA GLN B 158 -3.06 -6.18 -12.37
C GLN B 158 -3.10 -4.67 -12.12
N ARG B 159 -1.96 -4.08 -11.79
CA ARG B 159 -1.87 -2.63 -11.70
C ARG B 159 -2.26 -1.96 -13.02
N LYS B 160 -1.73 -2.46 -14.14
CA LYS B 160 -1.93 -1.82 -15.43
C LYS B 160 -3.31 -2.10 -16.01
N PHE B 161 -3.87 -3.28 -15.74
CA PHE B 161 -5.14 -3.71 -16.32
C PHE B 161 -6.06 -4.15 -15.19
N PRO B 162 -6.64 -3.20 -14.46
CA PRO B 162 -7.37 -3.55 -13.23
C PRO B 162 -8.66 -4.31 -13.47
N HIS B 163 -9.15 -4.43 -14.70
CA HIS B 163 -10.42 -5.12 -14.94
C HIS B 163 -10.26 -6.34 -15.85
N LEU B 164 -9.07 -6.92 -15.85
CA LEU B 164 -8.83 -8.25 -16.40
C LEU B 164 -8.52 -9.18 -15.24
N GLU B 165 -8.87 -10.45 -15.40
CA GLU B 165 -8.54 -11.45 -14.39
C GLU B 165 -7.27 -12.17 -14.82
N PHE B 166 -6.26 -12.15 -13.94
CA PHE B 166 -5.01 -12.85 -14.18
C PHE B 166 -5.00 -14.11 -13.34
N ARG B 167 -5.10 -15.25 -14.00
CA ARG B 167 -5.29 -16.53 -13.36
C ARG B 167 -4.07 -17.42 -13.59
N SER B 168 -3.79 -18.29 -12.63
CA SER B 168 -2.61 -19.13 -12.73
C SER B 168 -2.78 -20.15 -13.86
N ILE B 169 -1.66 -20.46 -14.50
CA ILE B 169 -1.60 -21.48 -15.55
C ILE B 169 -0.30 -22.25 -15.40
N GLN B 170 -0.36 -23.57 -15.63
CA GLN B 170 0.78 -24.44 -15.40
C GLN B 170 1.12 -25.23 -16.65
N GLY B 171 2.38 -25.63 -16.75
CA GLY B 171 2.88 -26.44 -17.85
C GLY B 171 4.06 -25.77 -18.54
N ASN B 172 4.61 -26.48 -19.51
CA ASN B 172 5.63 -25.88 -20.36
C ASN B 172 4.95 -25.03 -21.44
N LEU B 173 5.77 -24.41 -22.30
CA LEU B 173 5.22 -23.54 -23.34
C LEU B 173 4.19 -24.28 -24.19
N ASN B 174 4.53 -25.49 -24.63
CA ASN B 174 3.60 -26.25 -25.47
C ASN B 174 2.30 -26.53 -24.73
N THR B 175 2.39 -26.91 -23.45
CA THR B 175 1.19 -27.24 -22.69
C THR B 175 0.32 -26.01 -22.42
N ARG B 176 0.95 -24.88 -22.08
CA ARG B 176 0.17 -23.67 -21.84
C ARG B 176 -0.50 -23.18 -23.12
N LEU B 177 0.20 -23.30 -24.26
CA LEU B 177 -0.45 -22.96 -25.53
C LEU B 177 -1.59 -23.90 -25.82
N ARG B 178 -1.44 -25.19 -25.49
CA ARG B 178 -2.52 -26.14 -25.69
C ARG B 178 -3.74 -25.77 -24.84
N LYS B 179 -3.49 -25.42 -23.58
CA LYS B 179 -4.59 -25.05 -22.69
C LYS B 179 -5.29 -23.78 -23.16
N LEU B 180 -4.52 -22.85 -23.74
CA LEU B 180 -5.12 -21.65 -24.31
C LEU B 180 -5.98 -21.99 -25.52
N ASP B 181 -5.41 -22.70 -26.50
CA ASP B 181 -6.06 -22.88 -27.79
C ASP B 181 -7.17 -23.90 -27.81
N GLU B 182 -7.15 -24.88 -26.88
CA GLU B 182 -8.09 -26.00 -26.92
C GLU B 182 -9.24 -25.84 -25.94
N GLN B 183 -9.00 -25.24 -24.77
CA GLN B 183 -10.07 -24.95 -23.83
C GLN B 183 -10.68 -23.60 -24.21
N GLN B 184 -11.60 -23.10 -23.38
CA GLN B 184 -12.15 -21.76 -23.53
C GLN B 184 -12.06 -20.98 -22.23
N GLU B 185 -11.07 -21.30 -21.40
CA GLU B 185 -10.90 -20.64 -20.11
C GLU B 185 -10.08 -19.35 -20.23
N PHE B 186 -9.00 -19.37 -20.99
CA PHE B 186 -8.08 -18.24 -21.09
C PHE B 186 -8.33 -17.46 -22.37
N SER B 187 -8.34 -16.13 -22.26
CA SER B 187 -8.34 -15.25 -23.42
C SER B 187 -6.94 -14.99 -23.93
N ALA B 188 -5.93 -15.10 -23.06
CA ALA B 188 -4.55 -14.84 -23.44
C ALA B 188 -3.66 -15.46 -22.37
N ILE B 189 -2.38 -15.60 -22.70
CA ILE B 189 -1.36 -16.02 -21.73
C ILE B 189 -0.14 -15.13 -21.90
N ILE B 190 0.62 -15.01 -20.82
CA ILE B 190 1.83 -14.19 -20.80
C ILE B 190 3.04 -15.11 -20.81
N LEU B 191 4.02 -14.79 -21.66
CA LEU B 191 5.20 -15.64 -21.82
C LEU B 191 6.36 -14.79 -22.29
N ALA B 192 7.58 -15.19 -21.96
CA ALA B 192 8.74 -14.46 -22.46
C ALA B 192 8.78 -14.50 -24.00
N THR B 193 9.05 -13.35 -24.61
CA THR B 193 9.22 -13.34 -26.07
C THR B 193 10.34 -14.29 -26.50
N ALA B 194 11.44 -14.31 -25.75
CA ALA B 194 12.59 -15.13 -26.13
C ALA B 194 12.24 -16.60 -26.23
N GLY B 195 11.42 -17.09 -25.29
CA GLY B 195 11.03 -18.50 -25.34
C GLY B 195 10.24 -18.83 -26.60
N LEU B 196 9.19 -18.05 -26.87
CA LEU B 196 8.43 -18.29 -28.09
C LEU B 196 9.34 -18.21 -29.32
N GLN B 197 10.21 -17.21 -29.37
CA GLN B 197 11.11 -17.06 -30.52
C GLN B 197 11.96 -18.31 -30.71
N ARG B 198 12.59 -18.78 -29.64
CA ARG B 198 13.47 -19.96 -29.75
C ARG B 198 12.70 -21.20 -30.16
N MET B 199 11.40 -21.27 -29.83
CA MET B 199 10.61 -22.45 -30.19
C MET B 199 10.13 -22.41 -31.63
N GLY B 200 10.36 -21.32 -32.34
CA GLY B 200 9.80 -21.15 -33.67
C GLY B 200 8.38 -20.66 -33.70
N TRP B 201 7.87 -20.17 -32.57
CA TRP B 201 6.48 -19.73 -32.44
C TRP B 201 6.36 -18.22 -32.37
N HIS B 202 7.34 -17.51 -32.93
CA HIS B 202 7.24 -16.05 -32.97
C HIS B 202 5.95 -15.58 -33.61
N ASN B 203 5.38 -16.39 -34.52
CA ASN B 203 4.11 -16.02 -35.14
C ASN B 203 2.95 -16.02 -34.15
N ARG B 204 3.12 -16.63 -32.98
CA ARG B 204 2.12 -16.62 -31.93
C ARG B 204 2.18 -15.37 -31.07
N VAL B 205 3.25 -14.57 -31.18
CA VAL B 205 3.38 -13.36 -30.39
C VAL B 205 2.33 -12.36 -30.90
N GLY B 206 1.38 -12.02 -30.05
CA GLY B 206 0.35 -11.08 -30.46
C GLY B 206 0.64 -9.66 -30.01
N GLN B 207 1.39 -9.54 -28.92
CA GLN B 207 1.73 -8.23 -28.36
C GLN B 207 3.01 -8.37 -27.57
N ILE B 208 3.96 -7.48 -27.83
CA ILE B 208 5.17 -7.37 -27.01
C ILE B 208 4.92 -6.26 -26.00
N LEU B 209 5.03 -6.60 -24.72
CA LEU B 209 4.72 -5.65 -23.66
C LEU B 209 5.86 -4.67 -23.47
N HIS B 210 5.54 -3.38 -23.46
CA HIS B 210 6.52 -2.35 -23.17
C HIS B 210 6.84 -2.34 -21.68
N PRO B 211 7.99 -1.76 -21.31
CA PRO B 211 8.33 -1.70 -19.88
C PRO B 211 7.27 -1.01 -19.04
N GLU B 212 6.52 -0.07 -19.62
CA GLU B 212 5.47 0.62 -18.88
C GLU B 212 4.31 -0.31 -18.55
N GLU B 213 4.13 -1.38 -19.34
CA GLU B 213 3.08 -2.36 -19.12
C GLU B 213 3.56 -3.52 -18.23
N CYS B 214 4.79 -3.98 -18.44
CA CYS B 214 5.36 -5.10 -17.68
C CYS B 214 6.86 -5.18 -17.91
N MET B 215 7.66 -4.83 -16.90
CA MET B 215 9.11 -4.96 -17.00
C MET B 215 9.54 -6.42 -16.83
N TYR B 216 10.66 -6.79 -17.45
CA TYR B 216 11.02 -8.20 -17.49
C TYR B 216 11.75 -8.64 -16.22
N ALA B 217 11.84 -9.95 -16.06
CA ALA B 217 12.58 -10.54 -14.96
C ALA B 217 14.07 -10.23 -15.09
N VAL B 218 14.76 -10.20 -13.95
CA VAL B 218 16.21 -10.11 -13.95
C VAL B 218 16.76 -11.27 -14.79
N GLY B 219 17.65 -10.93 -15.73
CA GLY B 219 18.29 -11.91 -16.58
C GLY B 219 17.48 -12.43 -17.75
N GLN B 220 16.23 -11.99 -17.90
CA GLN B 220 15.38 -12.57 -18.92
C GLN B 220 15.94 -12.30 -20.31
N GLY B 221 15.89 -13.32 -21.17
CA GLY B 221 16.37 -13.21 -22.53
C GLY B 221 17.84 -13.52 -22.74
N ALA B 222 18.65 -13.56 -21.69
CA ALA B 222 20.06 -13.93 -21.80
C ALA B 222 20.23 -15.40 -21.40
N LEU B 223 21.17 -16.07 -22.06
CA LEU B 223 21.56 -17.42 -21.65
C LEU B 223 22.80 -17.33 -20.80
N GLY B 224 22.87 -18.17 -19.76
CA GLY B 224 24.03 -18.25 -18.89
C GLY B 224 24.63 -19.64 -18.94
N VAL B 225 25.95 -19.71 -18.93
CA VAL B 225 26.67 -20.98 -18.98
C VAL B 225 27.29 -21.22 -17.60
N GLU B 226 26.79 -22.22 -16.90
CA GLU B 226 27.30 -22.56 -15.57
C GLU B 226 28.39 -23.62 -15.68
N VAL B 227 29.47 -23.44 -14.91
CA VAL B 227 30.62 -24.32 -14.91
C VAL B 227 31.14 -24.45 -13.47
N ARG B 228 32.25 -25.17 -13.33
CA ARG B 228 32.92 -25.32 -12.04
C ARG B 228 33.81 -24.11 -11.79
N ALA B 229 33.69 -23.53 -10.59
CA ALA B 229 34.42 -22.31 -10.26
C ALA B 229 35.92 -22.50 -10.34
N LYS B 230 36.40 -23.72 -10.11
CA LYS B 230 37.83 -23.99 -10.06
C LYS B 230 38.39 -24.46 -11.41
N ASP B 231 37.55 -24.62 -12.43
CA ASP B 231 37.96 -25.23 -13.69
C ASP B 231 38.44 -24.13 -14.63
N GLN B 232 39.74 -23.82 -14.55
CA GLN B 232 40.26 -22.69 -15.30
C GLN B 232 40.21 -22.95 -16.80
N ASP B 233 40.43 -24.19 -17.23
CA ASP B 233 40.41 -24.48 -18.66
C ASP B 233 39.02 -24.25 -19.24
N ILE B 234 37.97 -24.73 -18.54
CA ILE B 234 36.62 -24.57 -19.06
C ILE B 234 36.19 -23.11 -19.00
N LEU B 235 36.62 -22.39 -17.96
CA LEU B 235 36.32 -20.97 -17.87
C LEU B 235 36.93 -20.21 -19.04
N ASP B 236 38.21 -20.47 -19.33
CA ASP B 236 38.82 -19.85 -20.50
C ASP B 236 38.09 -20.25 -21.78
N LEU B 237 37.63 -21.50 -21.86
CA LEU B 237 36.90 -21.95 -23.04
C LEU B 237 35.62 -21.14 -23.26
N VAL B 238 34.76 -21.05 -22.24
CA VAL B 238 33.45 -20.45 -22.44
C VAL B 238 33.47 -18.93 -22.31
N GLY B 239 34.53 -18.34 -21.76
CA GLY B 239 34.59 -16.90 -21.63
C GLY B 239 34.45 -16.16 -22.93
N VAL B 240 34.87 -16.79 -24.03
CA VAL B 240 34.69 -16.20 -25.36
C VAL B 240 33.22 -15.91 -25.64
N LEU B 241 32.31 -16.59 -24.96
CA LEU B 241 30.88 -16.36 -25.21
C LEU B 241 30.35 -15.09 -24.54
N HIS B 242 31.07 -14.56 -23.55
CA HIS B 242 30.60 -13.36 -22.85
C HIS B 242 30.32 -12.23 -23.82
N ASP B 243 29.13 -11.67 -23.74
CA ASP B 243 28.84 -10.43 -24.46
C ASP B 243 28.99 -9.27 -23.50
N PRO B 244 29.96 -8.37 -23.70
CA PRO B 244 30.21 -7.32 -22.70
C PRO B 244 28.97 -6.53 -22.29
N GLU B 245 28.22 -6.00 -23.26
CA GLU B 245 27.04 -5.20 -22.92
C GLU B 245 26.02 -6.03 -22.14
N THR B 246 25.74 -7.25 -22.60
CA THR B 246 24.81 -8.10 -21.87
C THR B 246 25.34 -8.43 -20.48
N LEU B 247 26.64 -8.70 -20.38
CA LEU B 247 27.21 -9.03 -19.08
C LEU B 247 27.03 -7.88 -18.09
N LEU B 248 27.31 -6.66 -18.53
CA LEU B 248 27.19 -5.52 -17.62
C LEU B 248 25.73 -5.30 -17.22
N ARG B 249 24.82 -5.36 -18.19
CA ARG B 249 23.40 -5.21 -17.87
C ARG B 249 22.95 -6.24 -16.85
N CYS B 250 23.38 -7.49 -17.02
CA CYS B 250 22.90 -8.55 -16.14
C CYS B 250 23.59 -8.52 -14.78
N ILE B 251 24.83 -8.05 -14.71
CA ILE B 251 25.44 -7.75 -13.42
C ILE B 251 24.59 -6.72 -12.67
N ALA B 252 24.23 -5.62 -13.35
CA ALA B 252 23.43 -4.60 -12.67
C ALA B 252 22.12 -5.20 -12.16
N GLU B 253 21.40 -5.90 -13.03
CA GLU B 253 20.11 -6.49 -12.65
C GLU B 253 20.25 -7.44 -11.47
N ARG B 254 21.22 -8.37 -11.56
CA ARG B 254 21.36 -9.39 -10.52
C ARG B 254 21.80 -8.78 -9.20
N ALA B 255 22.68 -7.77 -9.23
CA ALA B 255 23.08 -7.13 -7.98
C ALA B 255 21.90 -6.42 -7.33
N PHE B 256 21.07 -5.76 -8.14
CA PHE B 256 19.83 -5.17 -7.65
C PHE B 256 18.97 -6.21 -6.92
N LEU B 257 18.70 -7.33 -7.61
CA LEU B 257 17.81 -8.35 -7.05
C LEU B 257 18.40 -8.97 -5.78
N ARG B 258 19.70 -9.27 -5.80
CA ARG B 258 20.36 -9.83 -4.62
C ARG B 258 20.25 -8.89 -3.44
N HIS B 259 20.64 -7.62 -3.62
CA HIS B 259 20.62 -6.70 -2.49
C HIS B 259 19.21 -6.51 -1.96
N LEU B 260 18.19 -6.54 -2.83
CA LEU B 260 16.82 -6.50 -2.33
C LEU B 260 16.43 -7.78 -1.59
N GLU B 261 17.10 -8.90 -1.86
CA GLU B 261 16.73 -10.23 -1.36
C GLU B 261 15.27 -10.56 -1.71
N GLY B 262 15.01 -10.57 -3.02
CA GLY B 262 13.67 -10.77 -3.52
C GLY B 262 13.23 -12.22 -3.57
N GLY B 263 14.05 -13.08 -4.16
CA GLY B 263 13.68 -14.47 -4.31
C GLY B 263 12.55 -14.68 -5.31
N CYS B 264 11.76 -15.72 -5.05
CA CYS B 264 10.59 -16.06 -5.85
C CYS B 264 9.29 -15.56 -5.23
N SER B 265 9.32 -15.10 -3.98
CA SER B 265 8.13 -14.74 -3.24
C SER B 265 7.73 -13.27 -3.40
N VAL B 266 8.52 -12.47 -4.10
CA VAL B 266 8.24 -11.03 -4.15
C VAL B 266 8.30 -10.52 -5.59
N PRO B 267 7.30 -9.73 -6.02
CA PRO B 267 7.36 -9.17 -7.38
C PRO B 267 8.44 -8.12 -7.54
N VAL B 268 9.42 -8.43 -8.39
CA VAL B 268 10.55 -7.57 -8.69
C VAL B 268 10.82 -7.63 -10.18
N ALA B 269 11.09 -6.47 -10.78
CA ALA B 269 11.36 -6.43 -12.21
C ALA B 269 12.34 -5.31 -12.50
N VAL B 270 12.87 -5.32 -13.72
CA VAL B 270 13.94 -4.41 -14.11
C VAL B 270 13.84 -4.08 -15.59
N HIS B 271 14.62 -3.07 -15.98
CA HIS B 271 14.85 -2.72 -17.37
C HIS B 271 16.24 -2.11 -17.45
N THR B 272 17.05 -2.53 -18.42
CA THR B 272 18.40 -2.00 -18.54
C THR B 272 18.68 -1.58 -19.97
N ALA B 273 19.57 -0.60 -20.09
CA ALA B 273 19.98 -0.14 -21.42
C ALA B 273 21.37 0.48 -21.32
N MET B 274 22.07 0.51 -22.44
CA MET B 274 23.38 1.16 -22.54
C MET B 274 23.37 2.08 -23.75
N LYS B 275 23.58 3.36 -23.51
CA LYS B 275 23.63 4.37 -24.56
C LYS B 275 24.86 5.24 -24.35
N ASP B 276 25.69 5.34 -25.38
CA ASP B 276 26.99 6.02 -25.29
C ASP B 276 27.78 5.28 -24.21
N GLY B 277 28.29 5.96 -23.19
CA GLY B 277 28.97 5.29 -22.10
C GLY B 277 28.15 5.28 -20.83
N GLN B 278 26.83 5.33 -20.98
CA GLN B 278 25.91 5.33 -19.84
C GLN B 278 25.15 4.01 -19.78
N LEU B 279 25.04 3.45 -18.59
CA LEU B 279 24.24 2.27 -18.30
C LEU B 279 23.08 2.68 -17.41
N TYR B 280 21.86 2.53 -17.91
CA TYR B 280 20.65 2.84 -17.18
C TYR B 280 20.03 1.55 -16.64
N LEU B 281 19.62 1.60 -15.38
CA LEU B 281 18.91 0.51 -14.71
C LEU B 281 17.64 1.09 -14.07
N THR B 282 16.49 0.60 -14.51
CA THR B 282 15.21 0.87 -13.87
C THR B 282 14.84 -0.37 -13.07
N GLY B 283 14.45 -0.16 -11.83
CA GLY B 283 14.11 -1.25 -10.93
C GLY B 283 12.80 -0.96 -10.25
N GLY B 284 12.00 -2.01 -10.09
CA GLY B 284 10.70 -1.87 -9.47
C GLY B 284 10.39 -3.05 -8.57
N VAL B 285 9.60 -2.76 -7.55
CA VAL B 285 9.04 -3.75 -6.64
C VAL B 285 7.57 -3.44 -6.46
N TRP B 286 6.74 -4.49 -6.39
CA TRP B 286 5.29 -4.32 -6.26
C TRP B 286 4.74 -5.20 -5.16
N SER B 287 3.62 -4.78 -4.57
CA SER B 287 2.83 -5.71 -3.78
C SER B 287 2.22 -6.76 -4.71
N LEU B 288 1.74 -7.85 -4.12
CA LEU B 288 1.26 -8.96 -4.93
C LEU B 288 0.12 -8.52 -5.84
N ASP B 289 -0.78 -7.68 -5.35
CA ASP B 289 -1.91 -7.24 -6.16
C ASP B 289 -1.58 -6.02 -7.03
N GLY B 290 -0.33 -5.55 -6.99
CA GLY B 290 0.11 -4.44 -7.82
C GLY B 290 -0.21 -3.05 -7.30
N SER B 291 -1.02 -2.93 -6.26
CA SER B 291 -1.47 -1.60 -5.83
C SER B 291 -0.31 -0.78 -5.27
N ASP B 292 0.64 -1.42 -4.58
CA ASP B 292 1.83 -0.76 -4.08
C ASP B 292 2.99 -0.94 -5.04
N SER B 293 3.84 0.07 -5.14
CA SER B 293 4.94 -0.02 -6.07
C SER B 293 5.96 1.06 -5.74
N ILE B 294 7.23 0.67 -5.78
CA ILE B 294 8.34 1.61 -5.84
C ILE B 294 9.12 1.31 -7.11
N GLN B 295 9.36 2.34 -7.90
CA GLN B 295 10.05 2.19 -9.17
C GLN B 295 10.96 3.39 -9.39
N GLU B 296 12.23 3.13 -9.66
CA GLU B 296 13.20 4.22 -9.84
C GLU B 296 14.20 3.83 -10.91
N THR B 297 14.84 4.85 -11.50
CA THR B 297 15.85 4.64 -12.53
C THR B 297 17.13 5.37 -12.15
N MET B 298 18.27 4.68 -12.30
CA MET B 298 19.57 5.29 -12.10
C MET B 298 20.47 5.02 -13.30
N GLN B 299 21.56 5.79 -13.39
CA GLN B 299 22.52 5.65 -14.48
C GLN B 299 23.93 5.67 -13.92
N ALA B 300 24.84 5.07 -14.68
CA ALA B 300 26.26 5.05 -14.33
C ALA B 300 27.09 5.11 -15.59
N THR B 301 28.13 5.94 -15.59
CA THR B 301 28.96 6.13 -16.78
C THR B 301 29.92 4.94 -16.91
N ILE B 302 29.66 4.07 -17.89
CA ILE B 302 30.43 2.85 -18.10
C ILE B 302 30.53 2.61 -19.60
N HIS B 303 31.75 2.37 -20.08
CA HIS B 303 31.97 2.07 -21.49
C HIS B 303 31.74 0.58 -21.75
N VAL B 304 31.33 0.27 -22.98
CA VAL B 304 31.18 -1.12 -23.41
C VAL B 304 32.59 -1.69 -23.61
N PRO B 305 33.14 -2.43 -22.64
CA PRO B 305 34.55 -2.84 -22.74
C PRO B 305 34.75 -4.11 -23.54
N ALA B 306 35.65 -4.07 -24.51
CA ALA B 306 35.96 -5.23 -25.33
C ALA B 306 37.33 -5.83 -25.05
N GLN B 307 38.18 -5.14 -24.29
CA GLN B 307 39.51 -5.64 -23.97
C GLN B 307 39.45 -7.06 -23.41
N HIS B 308 39.87 -8.04 -24.21
CA HIS B 308 39.76 -9.46 -23.85
C HIS B 308 41.14 -9.99 -23.50
N GLU B 309 41.44 -10.06 -22.21
CA GLU B 309 42.65 -10.71 -21.71
C GLU B 309 42.28 -11.68 -20.60
N ASP B 310 43.04 -11.69 -19.51
CA ASP B 310 42.77 -12.58 -18.39
C ASP B 310 43.28 -11.94 -17.11
N GLY B 311 42.37 -11.44 -16.28
CA GLY B 311 42.72 -10.81 -15.03
C GLY B 311 43.32 -11.79 -14.04
N PRO B 312 43.33 -11.42 -12.75
CA PRO B 312 43.87 -12.30 -11.72
C PRO B 312 42.83 -13.28 -11.19
N GLU B 313 43.34 -14.43 -10.72
CA GLU B 313 42.45 -15.48 -10.20
C GLU B 313 41.78 -15.06 -8.91
N ASP B 314 42.50 -14.35 -8.03
CA ASP B 314 41.93 -13.94 -6.76
C ASP B 314 40.61 -13.19 -6.93
N ASP B 315 40.43 -12.53 -8.08
CA ASP B 315 39.17 -11.85 -8.40
C ASP B 315 38.01 -12.83 -8.34
N PRO B 316 37.24 -12.83 -7.27
CA PRO B 316 36.15 -13.80 -7.12
C PRO B 316 34.97 -13.43 -8.01
N GLN B 317 33.95 -14.28 -7.96
CA GLN B 317 32.75 -14.06 -8.73
C GLN B 317 32.09 -12.73 -8.36
N LEU B 318 31.35 -12.18 -9.30
CA LEU B 318 30.47 -11.03 -9.07
C LEU B 318 29.04 -11.49 -9.34
N VAL B 319 28.20 -11.48 -8.31
CA VAL B 319 26.83 -11.95 -8.42
C VAL B 319 26.82 -13.31 -9.10
N GLY B 320 27.77 -14.16 -8.74
CA GLY B 320 27.84 -15.52 -9.26
C GLY B 320 28.44 -15.67 -10.64
N ILE B 321 29.13 -14.65 -11.15
CA ILE B 321 29.59 -14.64 -12.53
C ILE B 321 31.08 -14.40 -12.54
N THR B 322 31.79 -15.14 -13.40
CA THR B 322 33.22 -14.97 -13.58
C THR B 322 33.49 -14.56 -15.02
N ALA B 323 34.13 -13.39 -15.20
CA ALA B 323 34.46 -12.85 -16.52
C ALA B 323 35.81 -12.14 -16.44
N ARG B 324 36.89 -12.92 -16.32
CA ARG B 324 38.23 -12.33 -16.27
C ARG B 324 38.75 -11.93 -17.64
N ASN B 325 38.13 -12.42 -18.71
CA ASN B 325 38.45 -11.93 -20.04
C ASN B 325 37.86 -10.54 -20.32
N ILE B 326 37.10 -9.98 -19.37
CA ILE B 326 36.52 -8.65 -19.51
C ILE B 326 37.08 -7.76 -18.41
N PRO B 327 37.30 -6.47 -18.67
CA PRO B 327 37.79 -5.58 -17.61
C PRO B 327 36.90 -5.64 -16.37
N ARG B 328 37.54 -5.72 -15.19
CA ARG B 328 36.81 -5.84 -13.94
C ARG B 328 36.14 -4.53 -13.53
N GLY B 329 36.65 -3.40 -14.01
CA GLY B 329 36.16 -2.10 -13.61
C GLY B 329 34.69 -1.88 -13.91
N PRO B 330 34.32 -1.96 -15.19
CA PRO B 330 32.90 -1.80 -15.55
C PRO B 330 32.00 -2.81 -14.85
N GLN B 331 32.47 -4.04 -14.61
CA GLN B 331 31.65 -5.00 -13.87
C GLN B 331 31.38 -4.51 -12.46
N LEU B 332 32.41 -4.03 -11.78
CA LEU B 332 32.22 -3.46 -10.45
C LEU B 332 31.28 -2.27 -10.49
N ALA B 333 31.35 -1.48 -11.57
CA ALA B 333 30.46 -0.33 -11.70
C ALA B 333 29.01 -0.76 -11.89
N ALA B 334 28.78 -1.82 -12.65
CA ALA B 334 27.42 -2.34 -12.80
C ALA B 334 26.89 -2.87 -11.47
N GLN B 335 27.74 -3.58 -10.73
CA GLN B 335 27.34 -4.04 -9.40
C GLN B 335 26.97 -2.86 -8.52
N ASN B 336 27.80 -1.81 -8.54
CA ASN B 336 27.51 -0.58 -7.80
C ASN B 336 26.14 -0.03 -8.15
N LEU B 337 25.85 0.07 -9.44
CA LEU B 337 24.56 0.62 -9.88
C LEU B 337 23.40 -0.21 -9.32
N GLY B 338 23.50 -1.53 -9.44
CA GLY B 338 22.45 -2.39 -8.91
C GLY B 338 22.23 -2.18 -7.42
N ILE B 339 23.32 -2.23 -6.64
CA ILE B 339 23.17 -2.09 -5.18
C ILE B 339 22.65 -0.71 -4.83
N SER B 340 23.06 0.32 -5.57
CA SER B 340 22.59 1.67 -5.29
C SER B 340 21.09 1.81 -5.52
N LEU B 341 20.60 1.26 -6.63
CA LEU B 341 19.15 1.31 -6.87
C LEU B 341 18.40 0.51 -5.81
N ALA B 342 18.97 -0.63 -5.37
CA ALA B 342 18.33 -1.40 -4.30
C ALA B 342 18.24 -0.57 -3.02
N ASN B 343 19.34 0.10 -2.66
CA ASN B 343 19.32 0.98 -1.50
C ASN B 343 18.24 2.05 -1.65
N LEU B 344 18.20 2.71 -2.80
CA LEU B 344 17.18 3.73 -3.03
C LEU B 344 15.80 3.16 -2.79
N LEU B 345 15.49 2.01 -3.40
CA LEU B 345 14.17 1.41 -3.22
C LEU B 345 13.90 1.12 -1.75
N LEU B 346 14.89 0.58 -1.03
CA LEU B 346 14.69 0.24 0.37
C LEU B 346 14.39 1.48 1.20
N SER B 347 15.05 2.61 0.88
CA SER B 347 14.82 3.85 1.62
C SER B 347 13.42 4.38 1.36
N LYS B 348 12.87 4.15 0.18
CA LYS B 348 11.49 4.52 -0.13
C LYS B 348 10.49 3.56 0.49
N GLY B 349 10.94 2.55 1.23
CA GLY B 349 10.05 1.62 1.92
C GLY B 349 9.86 0.26 1.27
N ALA B 350 10.74 -0.14 0.35
CA ALA B 350 10.56 -1.41 -0.35
C ALA B 350 10.58 -2.60 0.60
N LYS B 351 11.25 -2.46 1.75
CA LYS B 351 11.36 -3.56 2.70
C LYS B 351 9.99 -4.05 3.14
N ASN B 352 9.11 -3.11 3.50
CA ASN B 352 7.80 -3.50 4.00
C ASN B 352 6.98 -4.20 2.93
N ILE B 353 7.02 -3.70 1.69
CA ILE B 353 6.31 -4.38 0.60
C ILE B 353 6.84 -5.81 0.44
N LEU B 354 8.16 -5.95 0.45
CA LEU B 354 8.77 -7.28 0.37
C LEU B 354 8.19 -8.20 1.45
N ASP B 355 8.23 -7.75 2.69
CA ASP B 355 7.78 -8.60 3.80
C ASP B 355 6.30 -8.93 3.69
N VAL B 356 5.47 -7.93 3.39
CA VAL B 356 4.03 -8.16 3.28
C VAL B 356 3.73 -9.19 2.19
N ALA B 357 4.47 -9.12 1.07
CA ALA B 357 4.22 -10.09 0.01
C ALA B 357 4.71 -11.48 0.40
N ARG B 358 5.90 -11.58 0.99
CA ARG B 358 6.45 -12.88 1.36
C ARG B 358 5.47 -13.66 2.23
N GLN B 359 4.97 -13.03 3.30
CA GLN B 359 3.95 -13.64 4.14
C GLN B 359 2.62 -13.66 3.39
N LEU B 360 2.20 -14.85 2.96
CA LEU B 360 0.93 -15.02 2.24
C LEU B 360 0.08 -16.12 2.86
C1 ZWW C . -12.99 -0.11 17.45
C2 ZWW C . -11.84 0.65 18.10
C3 ZWW C . -11.00 0.13 19.06
C9 ZWW C . -10.50 4.78 17.97
C11 ZWW C . -10.84 6.43 20.09
C12 ZWW C . -9.45 6.25 20.74
C15 ZWW C . -12.00 6.30 14.97
C21 ZWW C . -15.59 6.65 15.61
C24 ZWW C . -19.32 6.99 15.98
C30 ZWW C . -22.02 5.24 15.00
C31 ZWW C . -23.50 4.76 15.07
C32 ZWW C . -16.92 4.64 14.57
C34 ZWW C . -18.65 3.13 15.77
N4 ZWW C . -11.47 1.90 17.88
C5 ZWW C . -11.48 -1.30 21.15
C17 ZWW C . -14.34 5.13 14.55
C18 ZWW C . -13.91 3.95 13.71
C23 ZWW C . -18.10 7.36 15.43
C25 ZWW C . -19.54 6.54 17.44
C10 ZWW C . -10.95 5.98 18.59
C13 ZWW C . -11.59 6.71 17.58
C14 ZWW C . -11.47 5.95 16.41
C16 ZWW C . -13.55 6.16 15.07
C19 ZWW C . -13.32 2.80 14.41
C20 ZWW C . -15.65 5.46 14.89
C22 ZWW C . -16.80 7.41 16.27
C26 ZWW C . -20.37 7.51 18.30
C27 ZWW C . -20.26 7.10 14.93
C28 ZWW C . -19.55 7.51 13.79
C29 ZWW C . -21.80 6.76 15.01
C33 ZWW C . -17.27 3.85 15.88
C35 ZWW C . -12.21 8.10 17.71
C36 ZWW C . -13.42 8.32 18.65
C37 ZWW C . -13.65 9.82 18.86
C38 ZWW C . -9.00 0.93 20.42
C39 ZWW C . -8.14 2.14 20.81
C4 ZWW C . -11.02 -1.30 19.67
C40 ZWW C . -6.80 1.60 21.22
C41 ZWW C . -20.17 7.76 12.38
C42 ZWW C . -20.16 9.29 12.11
C43 ZWW C . -21.28 10.10 12.05
C44 ZWW C . -20.82 11.40 11.75
C45 ZWW C . -19.43 11.31 11.71
C46 ZWW C . -22.77 9.59 12.19
C47 ZWW C . -23.57 10.16 13.37
C48 ZWW C . -21.70 12.71 11.59
C49 ZWW C . -20.10 14.29 12.83
C50 ZWW C . -21.47 13.71 12.75
C6 ZWW C . -10.11 1.14 19.38
C7 ZWW C . -10.42 2.24 18.62
C8 ZWW C . -9.72 3.60 18.64
N1 ZWW C . -18.27 7.66 14.12
N2 ZWW C . -14.32 7.03 15.70
N3 ZWW C . -10.84 4.83 16.70
N5 ZWW C . -19.10 10.05 11.91
O1 ZWW C . -12.11 -0.33 21.62
O10 ZWW C . -23.70 3.54 15.26
O11 ZWW C . -19.20 2.99 14.65
O12 ZWW C . -19.22 2.72 16.82
O13 ZWW C . -14.83 10.24 19.01
O14 ZWW C . -12.65 10.61 18.88
O15 ZWW C . -6.21 0.85 20.44
O16 ZWW C . -6.32 1.90 22.34
O17 ZWW C . -19.50 14.71 11.81
O18 ZWW C . -19.55 14.36 13.95
O19 ZWW C . -24.79 10.50 13.18
O2 ZWW C . -11.21 -2.30 21.90
O20 ZWW C . -23.06 10.27 14.51
O3 ZWW C . -9.41 5.74 21.92
O4 ZWW C . -8.41 6.60 20.12
O5 ZWW C . -13.47 2.63 15.63
O6 ZWW C . -12.65 2.00 13.73
O7 ZWW C . -20.84 8.58 17.85
O8 ZWW C . -20.58 7.19 19.51
O9 ZWW C . -24.48 5.56 14.93
C1 GOL D . -26.91 23.74 26.12
O1 GOL D . -27.73 22.64 26.42
C2 GOL D . -25.44 23.27 26.22
O2 GOL D . -25.09 22.38 25.21
C3 GOL D . -24.57 24.54 26.20
O3 GOL D . -23.25 24.10 26.05
C1 GOL E . -15.63 6.42 20.57
O1 GOL E . -16.23 5.81 19.39
C2 GOL E . -16.54 7.61 21.02
O2 GOL E . -17.82 7.16 21.39
C3 GOL E . -15.83 8.34 22.22
O3 GOL E . -16.62 9.57 22.51
C1 GOL F . 1.41 24.24 11.48
O1 GOL F . 0.16 24.24 12.19
C2 GOL F . 1.76 25.76 11.11
O2 GOL F . 3.03 25.83 10.55
C3 GOL F . 0.65 26.27 10.15
O3 GOL F . 0.77 27.67 10.10
C1 ZWW G . 11.85 -19.39 -4.23
C2 ZWW G . 13.12 -18.55 -4.02
C3 ZWW G . 13.45 -17.92 -2.84
C9 ZWW G . 16.30 -17.09 -6.58
C11 ZWW G . 16.82 -14.53 -7.16
C12 ZWW G . 17.72 -14.35 -5.91
C15 ZWW G . 16.09 -19.06 -9.69
C21 ZWW G . 13.17 -17.91 -11.61
C24 ZWW G . 10.12 -17.14 -13.74
C30 ZWW G . 7.07 -18.45 -14.27
C31 ZWW G . 5.68 -18.53 -14.96
C32 ZWW G . 11.11 -19.52 -11.12
C34 ZWW G . 8.71 -19.01 -10.34
N4 ZWW G . 14.07 -18.29 -4.91
C5 ZWW G . 11.80 -16.64 -1.29
C17 ZWW G . 13.57 -19.60 -10.20
C18 ZWW G . 13.43 -20.82 -9.33
C23 ZWW G . 11.44 -17.56 -13.60
C25 ZWW G . 9.42 -16.01 -12.97
C10 ZWW G . 16.55 -16.04 -7.48
C13 ZWW G . 16.50 -16.61 -8.75
C14 ZWW G . 16.24 -17.98 -8.56
C16 ZWW G . 14.72 -18.82 -10.38
C19 ZWW G . 13.15 -20.49 -7.92
C20 ZWW G . 12.57 -19.02 -10.99
C22 ZWW G . 12.49 -16.90 -12.62
C26 ZWW G . 9.44 -14.67 -13.71
C27 ZWW G . 9.57 -17.98 -14.72
C28 ZWW G . 10.59 -18.85 -15.12
C29 ZWW G . 8.12 -17.94 -15.26
C33 ZWW G . 10.22 -18.90 -9.99
C35 ZWW G . 16.72 -15.90 -10.11
C36 ZWW G . 15.67 -14.86 -10.48
C37 ZWW G . 16.10 -13.90 -11.60
C38 ZWW G . 15.43 -16.40 -2.08
C39 ZWW G . 16.91 -16.82 -1.93
C4 ZWW G . 12.63 -17.92 -1.52
C40 ZWW G . 17.14 -17.53 -0.63
C41 ZWW G . 10.47 -19.98 -16.21
C42 ZWW G . 11.35 -19.56 -17.44
C43 ZWW G . 10.89 -19.20 -18.70
C44 ZWW G . 12.00 -18.89 -19.46
C45 ZWW G . 13.10 -19.07 -18.63
C46 ZWW G . 9.37 -19.17 -19.17
C47 ZWW G . 8.80 -17.78 -19.44
C48 ZWW G . 12.04 -18.43 -20.98
C49 ZWW G . 13.99 -16.79 -20.81
C50 ZWW G . 12.55 -16.98 -21.12
C6 ZWW G . 14.66 -17.25 -3.08
C7 ZWW G . 15.01 -17.50 -4.38
C8 ZWW G . 16.26 -16.96 -5.03
N1 ZWW G . 11.69 -18.56 -14.44
N2 ZWW G . 14.44 -17.83 -11.22
N3 ZWW G . 16.13 -18.20 -7.26
N5 ZWW G . 12.67 -19.47 -17.45
O1 ZWW G . 10.66 -16.72 -0.75
O10 ZWW G . 5.57 -18.16 -16.17
O11 ZWW G . 8.34 -19.93 -11.12
O12 ZWW G . 7.87 -18.19 -9.86
O13 ZWW G . 15.23 -13.44 -12.38
O14 ZWW G . 17.31 -13.56 -11.75
O15 ZWW G . 17.57 -16.91 0.35
O16 ZWW G . 16.89 -18.76 -0.55
O17 ZWW G . 14.32 -15.78 -20.15
O18 ZWW G . 14.86 -17.58 -21.22
O19 ZWW G . 7.93 -17.65 -20.34
O2 ZWW G . 12.24 -15.49 -1.65
O20 ZWW G . 9.19 -16.79 -18.79
O3 ZWW G . 17.50 -13.41 -5.08
O4 ZWW G . 18.66 -15.16 -5.72
O5 ZWW G . 12.29 -21.13 -7.30
O6 ZWW G . 13.80 -19.58 -7.35
O7 ZWW G . 9.69 -14.61 -14.94
O8 ZWW G . 9.21 -13.60 -13.08
O9 ZWW G . 4.66 -18.97 -14.33
C1 GOL H . 10.82 -0.38 -25.37
O1 GOL H . 9.93 -0.99 -26.25
C2 GOL H . 12.26 -0.87 -25.74
O2 GOL H . 12.83 -0.12 -26.76
C3 GOL H . 13.07 -0.77 -24.44
O3 GOL H . 12.39 -1.55 -23.50
C1 EDO I . 1.03 -24.83 -30.73
O1 EDO I . 1.65 -25.69 -29.77
C2 EDO I . 2.01 -23.75 -31.19
O2 EDO I . 1.34 -22.77 -31.97
C1 EDO J . 12.30 -14.02 -10.11
O1 EDO J . 11.47 -14.94 -9.40
C2 EDO J . 11.94 -12.58 -9.75
O2 EDO J . 12.42 -11.68 -10.76
H11 EDO J . 12.18 -14.17 -11.19
H12 EDO J . 13.36 -14.21 -9.86
HO1 EDO J . 11.74 -15.85 -9.61
H21 EDO J . 12.39 -12.32 -8.79
H22 EDO J . 10.86 -12.49 -9.65
HO2 EDO J . 12.82 -10.91 -10.34
#